data_2AGS
#
_entry.id   2AGS
#
_cell.length_a   73.672
_cell.length_b   95.569
_cell.length_c   105.816
_cell.angle_alpha   90.00
_cell.angle_beta   90.00
_cell.angle_gamma   90.00
#
_symmetry.space_group_name_H-M   'P 21 21 21'
#
loop_
_entity.id
_entity.type
_entity.pdbx_description
1 polymer sialidase
2 non-polymer 'SULFATE ION'
3 non-polymer '3-deoxy-3-fluoro-D-erythro-alpha-L-manno-non-2-ulopyranosonic acid'
4 water water
#
_entity_poly.entity_id   1
_entity_poly.type   'polypeptide(L)'
_entity_poly.pdbx_seq_one_letter_code
;MGGSHHHHHHGMASLAPGSSRVELFKRKNSTVPFEESNGTIRERVVHSFRIPTIVNVDGVMVAIADARYETSFDNSFIET
AVKYSVDDGATWNTQIAIKNSRASSVSRVMDATVIVKGNKLYILVGSFNKTRNSWTQHRDGSDWEPLLVVGEVTKSAANG
KTTATISWGKPVSLKPLFPAEFDGILTKEFIGGVGAAIVASNGNLVYPVQIADMGGRVFTKIMYSEDDGNTWKFAEGRSK
FGCSEPAVLEWEGKLIINNRVDGNRRLVYESSDMGKTWVEALGTLSHVWTNSPTSNQQDCQSSFVAVTIEGKRVMLFTHP
LNLKGRWMRDRLHLWMTDNQRIFDVGQISIGDENSGYSSVLYKDDKLYSLHEINTNDVYSLVFVRLIGELQLMKSVVRTW
KEEDNHLASICTPVVPATPPSKGGCGAAVPTAGLVGFLSHSANGSVWEDVYRCVDANVANAERVPNGLKFNGVGGGAVWP
VARQGQTRRYQFANYRFTLVATVTIDELPKGTSPLLGAGLEGPGDAKLLGLSYDKNRQWRPLYGAAPASPTGSWELHKKY
HVVLTMADRQGSVYVDGQPLAGSGNTVVRGATLPDISHFYIGGPRSKGAPTDSRVTVTNVVLYNRRLNSSEIRTLFLSQD
MIGTDGGAGTAA
;
_entity_poly.pdbx_strand_id   A
#
# COMPACT_ATOMS: atom_id res chain seq x y z
N MET A 12 11.06 -18.01 -6.71
CA MET A 12 11.78 -17.09 -7.68
C MET A 12 10.97 -15.81 -7.73
N ALA A 13 11.66 -14.64 -7.91
CA ALA A 13 11.37 -13.38 -7.13
C ALA A 13 11.33 -13.97 -5.74
N SER A 14 12.25 -13.61 -4.80
CA SER A 14 12.43 -14.35 -3.52
C SER A 14 13.38 -13.62 -2.59
N LEU A 15 13.47 -14.03 -1.33
CA LEU A 15 14.37 -13.37 -0.35
C LEU A 15 15.70 -13.04 -1.02
N ALA A 16 16.12 -11.77 -0.95
CA ALA A 16 17.18 -11.28 -1.81
C ALA A 16 18.57 -11.75 -1.42
N PRO A 17 19.44 -11.90 -2.42
CA PRO A 17 20.86 -12.09 -2.06
C PRO A 17 21.32 -11.00 -1.09
N GLY A 18 22.02 -11.43 -0.04
CA GLY A 18 22.42 -10.57 1.03
C GLY A 18 21.61 -10.77 2.30
N SER A 19 20.34 -11.16 2.11
CA SER A 19 19.42 -11.33 3.18
C SER A 19 19.48 -12.79 3.63
N SER A 20 18.89 -13.02 4.78
CA SER A 20 18.93 -14.32 5.41
C SER A 20 17.88 -14.31 6.49
N ARG A 21 17.60 -15.49 7.02
CA ARG A 21 16.65 -15.60 8.08
C ARG A 21 16.95 -16.74 9.02
N VAL A 22 16.27 -16.68 10.15
CA VAL A 22 16.22 -17.81 11.05
C VAL A 22 14.79 -18.14 11.43
N GLU A 23 14.56 -19.38 11.82
CA GLU A 23 13.27 -19.76 12.35
C GLU A 23 13.28 -19.43 13.81
N LEU A 24 12.72 -18.29 14.17
CA LEU A 24 12.84 -17.77 15.53
C LEU A 24 11.86 -18.42 16.45
N PHE A 25 10.60 -18.44 16.07
CA PHE A 25 9.60 -19.17 16.84
C PHE A 25 9.35 -20.45 16.07
N LYS A 26 9.93 -21.53 16.58
N LYS A 26 10.01 -21.53 16.48
CA LYS A 26 9.99 -22.79 15.86
CA LYS A 26 10.02 -22.75 15.69
C LYS A 26 8.82 -23.65 16.25
C LYS A 26 8.94 -23.71 16.16
N ARG A 27 7.97 -23.95 15.28
CA ARG A 27 6.84 -24.86 15.54
C ARG A 27 7.34 -26.19 16.11
N LYS A 28 6.61 -26.72 17.10
CA LYS A 28 6.90 -28.02 17.68
C LYS A 28 8.36 -28.13 18.06
N ASN A 29 8.91 -27.09 18.65
CA ASN A 29 10.33 -27.08 18.99
C ASN A 29 10.57 -26.01 20.04
N SER A 30 10.37 -24.74 19.68
CA SER A 30 10.59 -23.66 20.63
C SER A 30 9.64 -23.73 21.80
N THR A 31 10.17 -23.70 23.01
CA THR A 31 9.31 -23.72 24.17
C THR A 31 9.03 -22.33 24.71
N VAL A 32 7.96 -22.26 25.51
CA VAL A 32 7.61 -21.07 26.21
C VAL A 32 7.42 -21.41 27.68
N PRO A 33 7.67 -20.42 28.55
CA PRO A 33 7.47 -20.60 29.99
C PRO A 33 6.03 -20.55 30.37
N PHE A 34 5.38 -21.70 30.24
CA PHE A 34 3.99 -21.79 30.60
C PHE A 34 3.86 -21.78 32.12
N GLU A 35 2.98 -20.94 32.64
CA GLU A 35 2.76 -20.82 34.06
C GLU A 35 1.55 -21.63 34.45
N GLU A 36 1.78 -22.66 35.26
CA GLU A 36 0.68 -23.45 35.80
C GLU A 36 -0.17 -22.64 36.75
N SER A 37 -1.35 -23.16 37.06
CA SER A 37 -2.28 -22.48 37.95
C SER A 37 -1.66 -22.24 39.34
N ASN A 38 -0.74 -23.13 39.76
CA ASN A 38 -0.06 -22.97 41.05
C ASN A 38 1.20 -22.07 40.98
N GLY A 39 1.45 -21.46 39.82
CA GLY A 39 2.58 -20.57 39.68
C GLY A 39 3.88 -21.23 39.24
N THR A 40 3.94 -22.56 39.21
CA THR A 40 5.12 -23.22 38.68
C THR A 40 5.25 -23.00 37.15
N ILE A 41 6.47 -22.83 36.70
CA ILE A 41 6.74 -22.56 35.29
C ILE A 41 7.19 -23.86 34.67
N ARG A 42 6.64 -24.16 33.50
CA ARG A 42 7.00 -25.35 32.76
C ARG A 42 7.31 -24.91 31.34
N GLU A 43 8.49 -25.24 30.84
CA GLU A 43 8.82 -24.98 29.44
C GLU A 43 7.97 -25.92 28.60
N ARG A 44 7.06 -25.32 27.82
CA ARG A 44 6.03 -26.09 27.16
C ARG A 44 6.21 -25.93 25.66
N VAL A 45 6.14 -27.05 24.93
CA VAL A 45 6.29 -27.03 23.49
C VAL A 45 5.02 -26.42 22.89
N VAL A 46 5.18 -25.75 21.75
CA VAL A 46 4.07 -25.06 21.09
C VAL A 46 3.92 -25.56 19.69
N HIS A 47 2.72 -26.01 19.37
CA HIS A 47 2.40 -26.52 18.06
C HIS A 47 2.75 -25.49 17.00
N SER A 48 2.16 -24.31 17.16
CA SER A 48 2.25 -23.28 16.12
C SER A 48 2.41 -21.92 16.74
N PHE A 49 3.25 -21.09 16.11
CA PHE A 49 3.36 -19.70 16.44
C PHE A 49 2.81 -18.90 15.30
N ARG A 50 1.85 -18.03 15.61
CA ARG A 50 1.17 -17.29 14.59
C ARG A 50 1.08 -15.83 14.99
N ILE A 51 0.64 -15.02 14.05
CA ILE A 51 0.26 -13.63 14.31
C ILE A 51 1.42 -12.81 14.84
N PRO A 52 2.49 -12.70 14.03
CA PRO A 52 3.74 -12.02 14.37
C PRO A 52 3.59 -10.52 14.42
N THR A 53 4.25 -9.93 15.40
CA THR A 53 4.53 -8.51 15.35
C THR A 53 5.91 -8.32 15.92
N ILE A 54 6.71 -7.48 15.29
CA ILE A 54 8.03 -7.17 15.85
C ILE A 54 8.16 -5.66 15.87
N VAL A 55 8.59 -5.16 17.01
CA VAL A 55 8.72 -3.72 17.21
C VAL A 55 10.01 -3.44 17.97
N ASN A 56 10.38 -2.15 18.02
CA ASN A 56 11.54 -1.66 18.74
C ASN A 56 11.05 -0.87 19.91
N VAL A 57 11.49 -1.26 21.10
CA VAL A 57 11.16 -0.52 22.30
C VAL A 57 12.49 -0.07 22.89
N ASP A 58 12.82 1.19 22.64
CA ASP A 58 14.03 1.80 23.21
C ASP A 58 15.28 0.96 22.94
N GLY A 59 15.40 0.44 21.73
CA GLY A 59 16.59 -0.35 21.40
C GLY A 59 16.46 -1.85 21.59
N VAL A 60 15.35 -2.30 22.14
CA VAL A 60 15.14 -3.70 22.39
C VAL A 60 14.13 -4.20 21.35
N MET A 61 14.49 -5.22 20.58
CA MET A 61 13.50 -5.80 19.68
C MET A 61 12.57 -6.60 20.49
N VAL A 62 11.27 -6.46 20.22
CA VAL A 62 10.29 -7.25 20.94
C VAL A 62 9.41 -7.90 19.88
N ALA A 63 9.36 -9.24 19.90
CA ALA A 63 8.59 -10.03 18.96
C ALA A 63 7.43 -10.62 19.71
N ILE A 64 6.22 -10.40 19.20
CA ILE A 64 5.01 -10.80 19.86
C ILE A 64 4.33 -11.81 18.98
N ALA A 65 3.76 -12.86 19.55
CA ALA A 65 3.10 -13.88 18.72
C ALA A 65 2.06 -14.64 19.51
N ASP A 66 1.09 -15.22 18.80
CA ASP A 66 0.18 -16.22 19.42
C ASP A 66 1.06 -17.45 19.60
N ALA A 67 1.07 -18.01 20.79
CA ALA A 67 1.62 -19.37 21.01
C ALA A 67 0.37 -20.29 21.01
N ARG A 68 0.12 -21.00 19.90
CA ARG A 68 -1.04 -21.84 19.75
C ARG A 68 -0.51 -23.21 20.18
N TYR A 69 -0.68 -23.46 21.47
CA TYR A 69 0.02 -24.59 22.10
C TYR A 69 -0.25 -25.94 21.51
N GLU A 70 -1.51 -26.21 21.19
CA GLU A 70 -1.93 -27.57 20.87
C GLU A 70 -2.23 -27.86 19.44
N THR A 71 -2.80 -26.86 18.75
CA THR A 71 -3.16 -26.97 17.35
C THR A 71 -3.04 -25.58 16.76
N SER A 72 -3.12 -25.49 15.46
CA SER A 72 -2.99 -24.17 14.81
C SER A 72 -4.35 -23.54 14.61
N PHE A 73 -5.40 -24.21 15.04
N PHE A 73 -5.40 -24.22 15.06
CA PHE A 73 -6.70 -23.64 14.79
CA PHE A 73 -6.77 -23.71 14.92
C PHE A 73 -6.94 -22.39 15.65
C PHE A 73 -6.94 -22.39 15.67
N ASP A 74 -7.79 -21.50 15.15
CA ASP A 74 -7.99 -20.20 15.76
C ASP A 74 -8.62 -20.34 17.14
N ASN A 75 -9.56 -21.26 17.28
CA ASN A 75 -10.29 -21.36 18.51
C ASN A 75 -9.76 -22.54 19.30
N SER A 76 -8.51 -22.38 19.73
CA SER A 76 -7.77 -23.35 20.48
C SER A 76 -7.07 -22.68 21.68
N PHE A 77 -6.27 -23.45 22.41
CA PHE A 77 -5.59 -22.94 23.60
C PHE A 77 -4.37 -22.12 23.20
N ILE A 78 -4.47 -20.83 23.45
CA ILE A 78 -3.49 -19.87 22.98
C ILE A 78 -3.11 -18.86 24.04
N GLU A 79 -1.83 -18.53 24.12
CA GLU A 79 -1.39 -17.41 24.96
C GLU A 79 -0.45 -16.53 24.16
N THR A 80 -0.22 -15.33 24.66
CA THR A 80 0.63 -14.38 23.92
C THR A 80 2.06 -14.53 24.35
N ALA A 81 2.91 -14.91 23.41
CA ALA A 81 4.32 -15.11 23.62
C ALA A 81 5.09 -13.89 23.21
N VAL A 82 6.22 -13.71 23.86
CA VAL A 82 7.12 -12.64 23.49
C VAL A 82 8.50 -13.18 23.44
N LYS A 83 9.26 -12.74 22.46
CA LYS A 83 10.69 -12.94 22.51
C LYS A 83 11.30 -11.57 22.39
N TYR A 84 12.35 -11.29 23.16
CA TYR A 84 12.94 -9.98 23.06
C TYR A 84 14.45 -10.08 23.06
N SER A 85 15.06 -9.11 22.39
CA SER A 85 16.51 -9.10 22.13
C SER A 85 17.10 -7.73 22.28
N VAL A 86 18.23 -7.65 22.98
CA VAL A 86 19.00 -6.41 23.09
C VAL A 86 20.17 -6.32 22.15
N ASP A 87 20.38 -7.35 21.34
CA ASP A 87 21.52 -7.44 20.44
C ASP A 87 21.12 -7.67 18.99
N ASP A 88 20.01 -7.03 18.63
CA ASP A 88 19.42 -7.11 17.31
C ASP A 88 19.28 -8.51 16.78
N GLY A 89 18.93 -9.41 17.68
CA GLY A 89 18.56 -10.75 17.29
C GLY A 89 19.66 -11.79 17.35
N ALA A 90 20.83 -11.43 17.84
CA ALA A 90 21.85 -12.45 18.13
C ALA A 90 21.29 -13.40 19.18
N THR A 91 20.65 -12.86 20.22
CA THR A 91 20.07 -13.67 21.28
C THR A 91 18.71 -13.14 21.70
N TRP A 92 17.87 -14.03 22.23
CA TRP A 92 16.50 -13.69 22.63
C TRP A 92 16.16 -14.34 23.97
N ASN A 93 15.35 -13.64 24.77
CA ASN A 93 14.72 -14.17 25.95
C ASN A 93 13.23 -14.32 25.59
N THR A 94 12.57 -15.26 26.26
CA THR A 94 11.23 -15.71 25.87
C THR A 94 10.30 -15.60 27.05
N GLN A 95 9.11 -15.07 26.84
CA GLN A 95 8.09 -14.93 27.89
C GLN A 95 6.76 -15.32 27.35
N ILE A 96 5.85 -15.64 28.26
CA ILE A 96 4.45 -15.54 27.96
C ILE A 96 4.00 -14.22 28.58
N ALA A 97 3.74 -13.24 27.73
CA ALA A 97 3.34 -11.94 28.16
C ALA A 97 1.93 -11.94 28.74
N ILE A 98 1.02 -12.64 28.08
CA ILE A 98 -0.37 -12.56 28.43
C ILE A 98 -0.93 -13.98 28.51
N LYS A 99 -1.43 -14.30 29.69
CA LYS A 99 -2.09 -15.60 29.92
C LYS A 99 -3.53 -15.58 29.49
N ASN A 100 -4.06 -16.74 29.10
CA ASN A 100 -5.48 -16.85 28.87
C ASN A 100 -6.19 -17.18 30.20
N SER A 101 -7.51 -17.24 30.14
CA SER A 101 -8.33 -17.32 31.35
C SER A 101 -8.24 -18.70 32.00
N ARG A 102 -7.82 -19.71 31.24
CA ARG A 102 -7.78 -21.10 31.71
C ARG A 102 -9.18 -21.62 32.03
N ALA A 103 -10.20 -21.04 31.42
CA ALA A 103 -11.58 -21.44 31.65
C ALA A 103 -11.91 -22.78 31.01
N SER A 104 -11.24 -23.10 29.92
CA SER A 104 -11.52 -24.30 29.12
C SER A 104 -10.31 -24.68 28.30
N SER A 105 -10.44 -25.81 27.60
CA SER A 105 -9.38 -26.29 26.74
C SER A 105 -9.15 -25.38 25.55
N VAL A 106 -10.06 -24.44 25.30
CA VAL A 106 -9.91 -23.54 24.15
C VAL A 106 -9.81 -22.06 24.60
N SER A 107 -9.57 -21.85 25.88
CA SER A 107 -9.31 -20.51 26.38
C SER A 107 -8.09 -19.92 25.65
N ARG A 108 -8.18 -18.63 25.35
CA ARG A 108 -7.23 -18.04 24.41
C ARG A 108 -7.20 -16.54 24.51
N VAL A 109 -5.99 -15.99 24.49
CA VAL A 109 -5.80 -14.58 24.21
C VAL A 109 -5.16 -14.58 22.83
N MET A 110 -5.68 -13.70 21.97
N MET A 110 -5.59 -13.68 21.97
N MET A 110 -5.56 -13.66 21.97
CA MET A 110 -5.51 -13.80 20.52
CA MET A 110 -5.15 -13.77 20.59
CA MET A 110 -5.07 -13.75 20.62
C MET A 110 -5.27 -12.45 19.82
C MET A 110 -5.22 -12.47 19.83
C MET A 110 -5.22 -12.48 19.82
N ASP A 111 -4.57 -12.50 18.67
CA ASP A 111 -4.56 -11.41 17.73
C ASP A 111 -4.04 -10.12 18.31
N ALA A 112 -2.79 -10.19 18.78
CA ALA A 112 -2.20 -9.07 19.47
C ALA A 112 -2.01 -7.88 18.56
N THR A 113 -2.33 -6.70 19.06
CA THR A 113 -2.12 -5.43 18.39
C THR A 113 -1.33 -4.60 19.39
N VAL A 114 -0.27 -3.96 18.93
CA VAL A 114 0.78 -3.43 19.78
C VAL A 114 1.07 -1.98 19.46
N ILE A 115 1.20 -1.17 20.51
CA ILE A 115 1.68 0.19 20.38
C ILE A 115 2.87 0.36 21.30
N VAL A 116 3.94 0.96 20.77
CA VAL A 116 5.11 1.28 21.56
C VAL A 116 5.04 2.78 21.86
N LYS A 117 5.16 3.14 23.13
CA LYS A 117 5.34 4.55 23.47
C LYS A 117 6.36 4.61 24.57
N GLY A 118 7.50 5.21 24.25
CA GLY A 118 8.62 5.22 25.24
C GLY A 118 9.09 3.81 25.50
N ASN A 119 9.20 3.45 26.77
CA ASN A 119 9.61 2.10 27.11
C ASN A 119 8.41 1.21 27.41
N LYS A 120 7.20 1.62 26.99
CA LYS A 120 6.01 0.85 27.28
C LYS A 120 5.47 0.25 25.99
N LEU A 121 4.93 -0.95 26.14
CA LEU A 121 4.22 -1.63 25.06
C LEU A 121 2.81 -1.76 25.51
N TYR A 122 1.88 -1.35 24.67
CA TYR A 122 0.48 -1.52 24.92
C TYR A 122 -0.02 -2.64 24.05
N ILE A 123 -0.47 -3.75 24.63
CA ILE A 123 -0.92 -4.88 23.79
C ILE A 123 -2.40 -5.09 24.04
N LEU A 124 -3.16 -5.14 22.94
CA LEU A 124 -4.60 -5.34 22.96
C LEU A 124 -4.84 -6.70 22.38
N VAL A 125 -5.52 -7.58 23.11
CA VAL A 125 -5.80 -8.92 22.60
C VAL A 125 -7.27 -9.21 22.80
N GLY A 126 -7.82 -10.08 21.97
CA GLY A 126 -9.12 -10.65 22.29
C GLY A 126 -8.93 -11.81 23.27
N SER A 127 -9.84 -11.93 24.22
CA SER A 127 -9.73 -13.00 25.20
C SER A 127 -11.06 -13.75 25.17
N PHE A 128 -10.99 -15.06 25.10
CA PHE A 128 -12.18 -15.90 24.97
C PHE A 128 -12.06 -17.06 25.94
N ASN A 129 -13.18 -17.50 26.50
CA ASN A 129 -13.18 -18.55 27.51
C ASN A 129 -13.47 -19.93 26.98
N LYS A 130 -14.50 -20.08 26.18
CA LYS A 130 -14.95 -21.44 25.77
C LYS A 130 -15.54 -21.62 24.39
N THR A 131 -15.69 -20.55 23.60
CA THR A 131 -16.29 -20.72 22.29
C THR A 131 -15.38 -21.49 21.37
N ARG A 132 -15.99 -22.35 20.58
CA ARG A 132 -15.26 -23.14 19.61
C ARG A 132 -15.31 -22.55 18.22
N ASN A 133 -16.16 -21.54 18.00
CA ASN A 133 -16.22 -20.90 16.71
C ASN A 133 -15.67 -19.49 16.81
N SER A 134 -15.60 -18.86 15.67
CA SER A 134 -14.85 -17.64 15.61
C SER A 134 -15.68 -16.45 16.06
N TRP A 135 -14.94 -15.43 16.46
CA TRP A 135 -15.52 -14.32 17.18
C TRP A 135 -16.63 -13.61 16.43
N THR A 136 -16.49 -13.55 15.11
CA THR A 136 -17.49 -12.87 14.34
C THR A 136 -18.79 -13.63 14.34
N GLN A 137 -18.72 -14.94 14.59
CA GLN A 137 -19.90 -15.82 14.50
C GLN A 137 -20.66 -15.96 15.82
N HIS A 138 -20.15 -15.41 16.92
CA HIS A 138 -20.76 -15.68 18.23
C HIS A 138 -22.16 -15.08 18.31
N ARG A 139 -23.01 -15.65 19.15
CA ARG A 139 -24.37 -15.14 19.24
C ARG A 139 -24.47 -13.83 20.02
N ASP A 140 -23.50 -13.61 20.90
CA ASP A 140 -23.40 -12.37 21.65
C ASP A 140 -21.93 -12.22 22.07
N GLY A 141 -21.62 -11.22 22.89
CA GLY A 141 -20.23 -10.95 23.30
C GLY A 141 -19.84 -11.61 24.62
N SER A 142 -20.64 -12.59 25.08
CA SER A 142 -20.51 -13.06 26.44
C SER A 142 -19.24 -13.83 26.71
N ASP A 143 -18.66 -14.45 25.66
CA ASP A 143 -17.45 -15.25 25.81
C ASP A 143 -16.17 -14.43 25.66
N TRP A 144 -16.32 -13.13 25.41
CA TRP A 144 -15.24 -12.24 24.96
C TRP A 144 -14.93 -11.11 25.91
N GLU A 145 -13.65 -10.80 26.03
CA GLU A 145 -13.19 -9.55 26.58
C GLU A 145 -12.05 -9.01 25.74
N PRO A 146 -12.05 -7.69 25.48
CA PRO A 146 -10.86 -7.07 24.89
C PRO A 146 -9.92 -6.71 26.01
N LEU A 147 -8.73 -7.31 26.05
CA LEU A 147 -7.82 -7.05 27.16
C LEU A 147 -6.67 -6.19 26.71
N LEU A 148 -6.38 -5.16 27.53
CA LEU A 148 -5.24 -4.30 27.34
C LEU A 148 -4.19 -4.63 28.37
N VAL A 149 -2.97 -4.82 27.92
CA VAL A 149 -1.85 -5.18 28.80
C VAL A 149 -0.73 -4.22 28.53
N VAL A 150 -0.15 -3.66 29.58
CA VAL A 150 1.01 -2.78 29.45
C VAL A 150 2.29 -3.49 29.88
N GLY A 151 3.30 -3.46 29.01
CA GLY A 151 4.58 -4.04 29.33
C GLY A 151 5.55 -2.89 29.44
N GLU A 152 6.49 -3.00 30.36
CA GLU A 152 7.55 -2.02 30.52
C GLU A 152 8.91 -2.67 30.28
N VAL A 153 9.67 -2.04 29.39
CA VAL A 153 10.99 -2.52 29.06
C VAL A 153 12.01 -1.72 29.83
N THR A 154 12.85 -2.42 30.60
CA THR A 154 13.94 -1.77 31.34
C THR A 154 15.26 -2.33 30.87
N LYS A 155 16.16 -1.44 30.47
CA LYS A 155 17.49 -1.81 30.03
C LYS A 155 18.46 -1.53 31.14
N SER A 156 19.50 -2.34 31.23
CA SER A 156 20.52 -2.12 32.25
C SER A 156 21.83 -2.58 31.67
N ALA A 157 22.87 -1.83 31.95
CA ALA A 157 24.21 -2.23 31.53
C ALA A 157 25.04 -2.42 32.76
N ALA A 158 25.86 -3.47 32.74
CA ALA A 158 26.83 -3.69 33.81
C ALA A 158 27.96 -4.54 33.22
N ASN A 159 29.18 -4.31 33.71
CA ASN A 159 30.40 -4.78 33.05
C ASN A 159 30.28 -4.76 31.53
N GLY A 160 29.75 -3.66 31.01
CA GLY A 160 29.64 -3.48 29.56
C GLY A 160 28.69 -4.44 28.86
N LYS A 161 27.84 -5.13 29.62
CA LYS A 161 26.87 -6.05 29.03
C LYS A 161 25.49 -5.47 29.24
N THR A 162 24.83 -5.11 28.15
CA THR A 162 23.44 -4.66 28.20
C THR A 162 22.48 -5.83 28.27
N THR A 163 21.47 -5.67 29.11
CA THR A 163 20.46 -6.68 29.27
C THR A 163 19.17 -5.92 29.36
N ALA A 164 18.08 -6.64 29.23
CA ALA A 164 16.78 -6.02 29.41
C ALA A 164 15.86 -7.00 30.09
N THR A 165 14.84 -6.44 30.71
CA THR A 165 13.73 -7.20 31.25
C THR A 165 12.49 -6.55 30.70
N ILE A 166 11.40 -7.31 30.63
CA ILE A 166 10.11 -6.75 30.36
C ILE A 166 9.12 -7.22 31.41
N SER A 167 8.48 -6.28 32.09
CA SER A 167 7.46 -6.62 33.04
C SER A 167 6.12 -6.34 32.43
N TRP A 168 5.19 -7.24 32.68
CA TRP A 168 3.91 -7.22 32.01
C TRP A 168 2.87 -7.00 33.05
N GLY A 169 2.04 -5.99 32.83
CA GLY A 169 1.01 -5.65 33.77
C GLY A 169 -0.12 -6.66 33.77
N LYS A 170 -0.97 -6.51 34.76
CA LYS A 170 -2.19 -7.30 34.80
C LYS A 170 -3.06 -6.82 33.66
N PRO A 171 -3.70 -7.73 32.93
CA PRO A 171 -4.62 -7.27 31.89
C PRO A 171 -5.81 -6.51 32.42
N VAL A 172 -6.26 -5.56 31.63
CA VAL A 172 -7.46 -4.78 31.93
C VAL A 172 -8.45 -4.97 30.80
N SER A 173 -9.68 -5.33 31.13
CA SER A 173 -10.72 -5.40 30.12
C SER A 173 -11.25 -4.04 29.75
N LEU A 174 -11.34 -3.81 28.45
CA LEU A 174 -11.94 -2.57 27.93
C LEU A 174 -13.39 -2.76 27.62
N LYS A 175 -13.93 -3.92 27.99
CA LYS A 175 -15.33 -4.21 27.70
C LYS A 175 -16.31 -3.14 28.20
N PRO A 176 -16.09 -2.61 29.43
CA PRO A 176 -17.00 -1.55 29.87
C PRO A 176 -17.00 -0.28 29.05
N LEU A 177 -15.99 -0.08 28.20
CA LEU A 177 -15.86 1.12 27.39
C LEU A 177 -16.45 0.94 25.99
N PHE A 178 -16.95 -0.25 25.70
CA PHE A 178 -17.39 -0.57 24.35
C PHE A 178 -18.82 -0.11 24.26
N PRO A 179 -19.10 0.86 23.36
CA PRO A 179 -20.47 1.28 23.17
C PRO A 179 -21.39 0.11 22.82
N ALA A 180 -22.65 0.20 23.25
CA ALA A 180 -23.63 -0.86 23.02
C ALA A 180 -24.15 -0.80 21.58
N GLU A 181 -23.95 0.35 20.94
CA GLU A 181 -24.32 0.50 19.56
C GLU A 181 -23.48 1.58 18.89
N PHE A 182 -23.47 1.50 17.57
CA PHE A 182 -23.04 2.58 16.68
C PHE A 182 -24.19 2.76 15.69
N ASP A 183 -24.58 4.00 15.42
CA ASP A 183 -25.73 4.25 14.54
C ASP A 183 -26.96 3.41 14.83
N GLY A 184 -27.21 3.13 16.10
CA GLY A 184 -28.43 2.46 16.49
C GLY A 184 -28.41 0.98 16.25
N ILE A 185 -27.37 0.45 15.61
CA ILE A 185 -27.19 -1.00 15.57
C ILE A 185 -26.23 -1.50 16.64
N LEU A 186 -26.64 -2.58 17.28
CA LEU A 186 -25.97 -3.14 18.42
C LEU A 186 -24.62 -3.76 18.06
N THR A 187 -23.66 -3.48 18.92
CA THR A 187 -22.34 -4.06 18.78
C THR A 187 -22.32 -5.44 19.42
N LYS A 188 -21.35 -6.25 19.02
CA LYS A 188 -21.17 -7.55 19.64
C LYS A 188 -19.81 -7.69 20.32
N GLU A 189 -18.75 -7.50 19.56
CA GLU A 189 -17.40 -7.65 20.04
C GLU A 189 -16.49 -6.72 19.24
N PHE A 190 -15.31 -6.46 19.79
CA PHE A 190 -14.22 -5.83 19.02
C PHE A 190 -12.91 -6.44 19.44
N ILE A 191 -11.96 -6.41 18.48
CA ILE A 191 -10.62 -6.71 18.80
C ILE A 191 -9.73 -5.69 18.04
N GLY A 192 -8.43 -5.72 18.33
CA GLY A 192 -7.50 -4.87 17.62
C GLY A 192 -7.33 -5.31 16.19
N GLY A 193 -6.78 -4.45 15.33
CA GLY A 193 -6.58 -4.78 13.95
C GLY A 193 -5.49 -5.74 13.62
N VAL A 194 -4.69 -6.12 14.62
CA VAL A 194 -3.57 -7.07 14.58
C VAL A 194 -2.31 -6.34 14.16
N GLY A 195 -1.22 -6.57 14.86
CA GLY A 195 0.05 -6.03 14.46
C GLY A 195 0.37 -4.71 15.07
N ALA A 196 1.34 -4.02 14.45
CA ALA A 196 1.83 -2.77 15.00
C ALA A 196 0.91 -1.59 14.64
N ALA A 197 0.43 -0.95 15.70
CA ALA A 197 -0.34 0.29 15.65
C ALA A 197 0.60 1.41 16.09
N ILE A 198 0.05 2.57 16.44
CA ILE A 198 0.89 3.73 16.52
C ILE A 198 0.55 4.65 17.70
N VAL A 199 1.53 5.49 17.96
CA VAL A 199 1.32 6.73 18.68
C VAL A 199 1.31 7.84 17.63
N ALA A 200 0.26 8.63 17.63
CA ALA A 200 0.12 9.73 16.70
C ALA A 200 1.06 10.86 17.12
N SER A 201 1.25 11.83 16.24
CA SER A 201 2.22 12.87 16.54
C SER A 201 1.76 13.69 17.76
N ASN A 202 0.47 13.70 18.02
CA ASN A 202 -0.07 14.38 19.22
C ASN A 202 0.01 13.56 20.50
N GLY A 203 0.61 12.39 20.43
CA GLY A 203 0.83 11.56 21.59
C GLY A 203 -0.23 10.50 21.75
N ASN A 204 -1.33 10.61 21.01
CA ASN A 204 -2.46 9.69 21.24
C ASN A 204 -2.02 8.26 20.92
N LEU A 205 -2.52 7.31 21.70
CA LEU A 205 -2.39 5.89 21.37
C LEU A 205 -3.51 5.65 20.40
N VAL A 206 -3.17 5.11 19.24
CA VAL A 206 -4.17 4.91 18.20
C VAL A 206 -4.22 3.42 17.83
N TYR A 207 -5.32 2.76 18.18
CA TYR A 207 -5.58 1.40 17.73
C TYR A 207 -6.64 1.38 16.66
N PRO A 208 -6.34 0.74 15.53
CA PRO A 208 -7.39 0.42 14.62
C PRO A 208 -8.03 -0.84 15.17
N VAL A 209 -9.36 -0.87 15.21
CA VAL A 209 -10.08 -2.00 15.76
C VAL A 209 -11.06 -2.56 14.72
N GLN A 210 -11.38 -3.84 14.92
CA GLN A 210 -12.31 -4.59 14.16
C GLN A 210 -13.53 -4.74 15.02
N ILE A 211 -14.67 -4.37 14.51
CA ILE A 211 -15.91 -4.46 15.26
C ILE A 211 -16.81 -5.46 14.58
N ALA A 212 -17.41 -6.34 15.36
CA ALA A 212 -18.43 -7.25 14.87
C ALA A 212 -19.76 -6.77 15.44
N ASP A 213 -20.78 -6.64 14.60
CA ASP A 213 -22.08 -6.24 15.14
C ASP A 213 -22.96 -7.47 15.41
N MET A 214 -24.15 -7.22 15.95
CA MET A 214 -25.03 -8.31 16.33
C MET A 214 -25.69 -8.93 15.14
N GLY A 215 -25.62 -8.23 14.00
CA GLY A 215 -25.95 -8.84 12.73
C GLY A 215 -24.87 -9.73 12.12
N GLY A 216 -23.69 -9.81 12.72
CA GLY A 216 -22.59 -10.59 12.18
C GLY A 216 -21.71 -9.87 11.13
N ARG A 217 -22.02 -8.62 10.86
CA ARG A 217 -21.19 -7.80 9.96
C ARG A 217 -19.99 -7.28 10.70
N VAL A 218 -18.94 -6.99 9.95
CA VAL A 218 -17.71 -6.46 10.53
C VAL A 218 -17.33 -5.18 9.84
N PHE A 219 -16.69 -4.33 10.61
CA PHE A 219 -16.19 -3.07 10.05
C PHE A 219 -15.10 -2.60 10.96
N THR A 220 -14.39 -1.57 10.53
CA THR A 220 -13.29 -1.08 11.31
C THR A 220 -13.52 0.35 11.78
N LYS A 221 -12.81 0.69 12.84
CA LYS A 221 -12.92 1.98 13.52
C LYS A 221 -11.56 2.27 14.15
N ILE A 222 -11.37 3.50 14.61
CA ILE A 222 -10.21 3.91 15.40
C ILE A 222 -10.68 4.00 16.83
N MET A 223 -9.91 3.39 17.73
CA MET A 223 -10.10 3.57 19.18
C MET A 223 -8.83 4.20 19.69
N TYR A 224 -8.91 5.35 20.34
CA TYR A 224 -7.71 6.08 20.67
C TYR A 224 -7.74 6.57 22.10
N SER A 225 -6.57 6.86 22.60
CA SER A 225 -6.43 7.38 23.96
C SER A 225 -5.57 8.62 23.93
N GLU A 226 -6.04 9.66 24.62
CA GLU A 226 -5.24 10.89 24.78
C GLU A 226 -4.41 10.93 26.07
N ASP A 227 -4.51 9.89 26.91
CA ASP A 227 -3.92 9.92 28.22
C ASP A 227 -3.22 8.61 28.51
N ASP A 228 -2.53 8.11 27.50
CA ASP A 228 -1.65 6.97 27.68
C ASP A 228 -2.39 5.75 28.18
N GLY A 229 -3.61 5.60 27.74
CA GLY A 229 -4.39 4.36 27.94
C GLY A 229 -5.27 4.38 29.17
N ASN A 230 -5.33 5.51 29.87
CA ASN A 230 -6.23 5.64 31.02
C ASN A 230 -7.68 5.60 30.55
N THR A 231 -7.98 6.32 29.48
CA THR A 231 -9.33 6.29 28.90
C THR A 231 -9.22 6.10 27.40
N TRP A 232 -10.29 5.59 26.80
CA TRP A 232 -10.30 5.26 25.37
C TRP A 232 -11.58 5.79 24.74
N LYS A 233 -11.50 6.20 23.50
CA LYS A 233 -12.61 6.77 22.81
C LYS A 233 -12.69 6.07 21.46
N PHE A 234 -13.90 5.70 21.03
CA PHE A 234 -14.10 5.15 19.68
C PHE A 234 -14.45 6.32 18.79
N ALA A 235 -13.62 6.61 17.81
CA ALA A 235 -13.91 7.73 16.93
C ALA A 235 -15.13 7.41 16.06
N GLU A 236 -15.78 8.47 15.57
CA GLU A 236 -17.07 8.33 14.96
C GLU A 236 -17.08 7.61 13.61
N GLY A 237 -15.96 7.71 12.89
CA GLY A 237 -15.90 7.20 11.52
C GLY A 237 -15.80 5.69 11.49
N ARG A 238 -16.06 5.11 10.32
CA ARG A 238 -15.88 3.67 10.17
C ARG A 238 -15.69 3.34 8.74
N SER A 239 -15.25 2.10 8.52
CA SER A 239 -15.09 1.59 7.18
C SER A 239 -16.43 1.12 6.67
N LYS A 240 -16.47 0.81 5.39
CA LYS A 240 -17.53 -0.05 4.86
C LYS A 240 -17.57 -1.41 5.58
N PHE A 241 -18.74 -2.05 5.55
CA PHE A 241 -18.84 -3.39 6.08
C PHE A 241 -17.95 -4.27 5.23
N GLY A 242 -17.45 -5.32 5.86
CA GLY A 242 -16.57 -6.24 5.15
C GLY A 242 -15.08 -5.99 5.29
N CYS A 243 -14.72 -4.90 5.97
CA CYS A 243 -13.31 -4.59 6.25
C CYS A 243 -12.96 -5.18 7.60
N SER A 244 -11.75 -5.72 7.70
CA SER A 244 -11.29 -6.38 8.88
C SER A 244 -9.79 -6.07 9.03
N GLU A 245 -9.18 -6.58 10.10
CA GLU A 245 -7.72 -6.47 10.38
C GLU A 245 -7.10 -5.19 9.84
N PRO A 246 -7.60 -4.06 10.33
CA PRO A 246 -7.05 -2.82 9.82
C PRO A 246 -5.66 -2.52 10.39
N ALA A 247 -4.82 -1.93 9.57
CA ALA A 247 -3.51 -1.44 9.98
C ALA A 247 -3.50 0.05 9.76
N VAL A 248 -2.90 0.77 10.69
CA VAL A 248 -2.95 2.22 10.66
C VAL A 248 -1.55 2.80 10.76
N LEU A 249 -1.32 3.87 10.01
CA LEU A 249 -0.14 4.70 10.21
C LEU A 249 -0.57 6.14 10.06
N GLU A 250 0.35 7.04 10.39
CA GLU A 250 0.09 8.46 10.25
C GLU A 250 0.98 8.99 9.14
N TRP A 251 0.37 9.69 8.23
CA TRP A 251 1.06 10.25 7.08
C TRP A 251 0.59 11.66 6.84
N GLU A 252 1.52 12.62 6.89
CA GLU A 252 1.16 14.02 6.57
C GLU A 252 -0.14 14.49 7.24
N GLY A 253 -0.22 14.21 8.52
CA GLY A 253 -1.30 14.66 9.37
C GLY A 253 -2.60 13.88 9.25
N LYS A 254 -2.59 12.78 8.52
CA LYS A 254 -3.76 11.93 8.41
C LYS A 254 -3.43 10.55 8.90
N LEU A 255 -4.41 9.91 9.50
CA LEU A 255 -4.37 8.46 9.69
C LEU A 255 -4.67 7.79 8.37
N ILE A 256 -3.88 6.78 8.00
CA ILE A 256 -4.17 5.99 6.80
C ILE A 256 -4.50 4.59 7.29
N ILE A 257 -5.72 4.13 7.03
CA ILE A 257 -6.21 2.88 7.55
C ILE A 257 -6.35 1.90 6.38
N ASN A 258 -5.51 0.88 6.41
CA ASN A 258 -5.40 -0.11 5.36
C ASN A 258 -6.04 -1.41 5.85
N ASN A 259 -7.13 -1.80 5.17
CA ASN A 259 -8.00 -2.86 5.66
C ASN A 259 -7.83 -4.16 4.91
N ARG A 260 -7.86 -5.25 5.65
CA ARG A 260 -8.12 -6.53 5.09
C ARG A 260 -9.55 -6.58 4.58
N VAL A 261 -9.74 -7.17 3.41
CA VAL A 261 -11.07 -7.33 2.84
C VAL A 261 -11.13 -8.72 2.23
N ASP A 262 -11.72 -9.64 2.94
CA ASP A 262 -11.88 -10.98 2.36
C ASP A 262 -12.75 -10.89 1.13
N GLY A 263 -12.29 -11.50 0.04
CA GLY A 263 -13.13 -11.64 -1.11
C GLY A 263 -13.30 -10.42 -2.01
N ASN A 264 -12.58 -9.34 -1.73
CA ASN A 264 -12.54 -8.21 -2.64
C ASN A 264 -11.26 -7.44 -2.39
N ARG A 265 -11.06 -6.36 -3.14
CA ARG A 265 -9.82 -5.62 -3.05
C ARG A 265 -9.79 -4.85 -1.72
N ARG A 266 -8.57 -4.55 -1.25
CA ARG A 266 -8.35 -3.87 0.02
C ARG A 266 -8.72 -2.38 -0.03
N LEU A 267 -9.55 -1.97 0.92
CA LEU A 267 -9.98 -0.58 1.06
C LEU A 267 -9.03 0.12 1.97
N VAL A 268 -8.62 1.31 1.54
CA VAL A 268 -7.79 2.18 2.33
C VAL A 268 -8.52 3.51 2.53
N TYR A 269 -8.54 3.96 3.79
CA TYR A 269 -9.20 5.21 4.17
C TYR A 269 -8.17 6.16 4.77
N GLU A 270 -8.51 7.44 4.72
CA GLU A 270 -7.71 8.47 5.38
C GLU A 270 -8.61 9.21 6.32
N SER A 271 -8.05 9.64 7.43
CA SER A 271 -8.78 10.51 8.36
C SER A 271 -7.90 11.60 8.90
N SER A 272 -8.35 12.83 8.75
CA SER A 272 -7.52 13.99 9.16
C SER A 272 -7.94 14.49 10.56
N ASP A 273 -8.92 13.82 11.15
CA ASP A 273 -9.51 14.25 12.41
C ASP A 273 -9.65 13.13 13.44
N MET A 274 -8.56 12.36 13.56
CA MET A 274 -8.42 11.36 14.56
C MET A 274 -9.57 10.35 14.47
N GLY A 275 -9.94 10.02 13.25
CA GLY A 275 -10.92 8.98 13.05
C GLY A 275 -12.36 9.42 12.97
N LYS A 276 -12.61 10.70 13.21
CA LYS A 276 -13.97 11.18 13.23
C LYS A 276 -14.60 11.04 11.84
N THR A 277 -13.83 11.42 10.81
CA THR A 277 -14.29 11.39 9.43
C THR A 277 -13.35 10.52 8.63
N TRP A 278 -13.87 9.54 7.92
CA TRP A 278 -13.05 8.70 7.05
C TRP A 278 -13.40 8.94 5.60
N VAL A 279 -12.38 9.07 4.75
CA VAL A 279 -12.53 9.31 3.32
C VAL A 279 -11.76 8.22 2.62
N GLU A 280 -12.38 7.52 1.70
CA GLU A 280 -11.63 6.46 1.02
C GLU A 280 -10.55 7.09 0.17
N ALA A 281 -9.37 6.44 0.16
CA ALA A 281 -8.18 6.95 -0.47
C ALA A 281 -8.19 6.56 -1.96
N LEU A 282 -9.24 7.00 -2.67
CA LEU A 282 -9.42 6.65 -4.07
C LEU A 282 -8.32 7.17 -4.96
N GLY A 283 -7.63 8.22 -4.52
CA GLY A 283 -6.64 8.89 -5.34
C GLY A 283 -5.25 8.37 -5.08
N THR A 284 -5.11 7.40 -4.19
CA THR A 284 -3.77 6.92 -3.84
C THR A 284 -3.76 5.41 -3.67
N LEU A 285 -4.22 4.90 -2.54
CA LEU A 285 -3.91 3.55 -2.16
C LEU A 285 -5.10 2.64 -2.11
N SER A 286 -6.32 3.17 -2.13
CA SER A 286 -7.44 2.25 -2.03
C SER A 286 -7.58 1.39 -3.29
N HIS A 287 -7.91 0.11 -3.05
CA HIS A 287 -8.05 -0.94 -4.06
C HIS A 287 -6.75 -1.28 -4.80
N VAL A 288 -5.60 -0.77 -4.37
CA VAL A 288 -4.36 -1.16 -5.02
C VAL A 288 -4.06 -2.63 -4.77
N TRP A 289 -4.14 -3.03 -3.51
CA TRP A 289 -3.71 -4.38 -3.11
C TRP A 289 -4.95 -5.27 -2.93
N THR A 290 -4.72 -6.56 -3.01
CA THR A 290 -5.83 -7.51 -2.97
C THR A 290 -5.34 -8.85 -2.45
N ASN A 291 -6.27 -9.78 -2.36
CA ASN A 291 -6.04 -11.04 -1.67
C ASN A 291 -5.46 -12.20 -2.49
N SER A 292 -5.45 -12.05 -3.79
CA SER A 292 -5.03 -13.06 -4.72
C SER A 292 -5.20 -12.46 -6.12
N PRO A 293 -4.67 -13.16 -7.14
CA PRO A 293 -4.84 -12.61 -8.49
C PRO A 293 -6.30 -12.33 -8.89
N THR A 294 -7.26 -13.15 -8.47
CA THR A 294 -8.67 -13.00 -8.89
C THR A 294 -9.50 -12.17 -7.92
N SER A 295 -8.93 -11.85 -6.76
CA SER A 295 -9.54 -10.98 -5.72
C SER A 295 -10.71 -11.62 -5.00
N ASN A 296 -10.97 -12.89 -5.27
CA ASN A 296 -12.14 -13.55 -4.65
C ASN A 296 -11.82 -14.51 -3.52
N GLN A 297 -10.61 -14.39 -2.99
CA GLN A 297 -10.12 -15.28 -2.00
C GLN A 297 -10.09 -14.62 -0.64
N GLN A 298 -10.01 -15.44 0.39
CA GLN A 298 -9.77 -14.96 1.76
C GLN A 298 -8.51 -14.04 1.67
N ASP A 299 -8.56 -12.90 2.34
CA ASP A 299 -7.44 -11.98 2.38
C ASP A 299 -6.54 -12.39 3.57
N CYS A 300 -5.58 -11.55 3.87
CA CYS A 300 -4.57 -11.82 4.87
C CYS A 300 -4.27 -10.52 5.56
N GLN A 301 -3.85 -10.63 6.82
CA GLN A 301 -3.31 -9.53 7.58
C GLN A 301 -2.05 -9.00 6.87
N SER A 302 -1.86 -7.69 6.93
CA SER A 302 -0.67 -7.02 6.41
C SER A 302 -0.08 -6.08 7.42
N SER A 303 1.25 -5.93 7.39
CA SER A 303 1.86 -4.83 8.12
C SER A 303 1.84 -3.58 7.27
N PHE A 304 1.81 -2.43 7.94
CA PHE A 304 1.69 -1.17 7.27
C PHE A 304 2.32 -0.17 8.22
N VAL A 305 3.54 0.25 7.91
CA VAL A 305 4.38 1.05 8.80
C VAL A 305 4.99 2.21 8.03
N ALA A 306 5.03 3.37 8.67
CA ALA A 306 5.74 4.53 8.16
C ALA A 306 7.16 4.51 8.70
N VAL A 307 8.10 4.71 7.79
CA VAL A 307 9.52 4.76 8.13
C VAL A 307 10.17 5.88 7.38
N THR A 308 11.41 6.23 7.74
CA THR A 308 12.16 7.23 6.99
C THR A 308 13.40 6.55 6.46
N ILE A 309 13.55 6.53 5.14
CA ILE A 309 14.65 5.85 4.48
C ILE A 309 15.34 6.89 3.61
N GLU A 310 16.65 7.03 3.75
CA GLU A 310 17.39 8.02 2.95
C GLU A 310 16.77 9.41 3.03
N GLY A 311 16.30 9.78 4.21
CA GLY A 311 15.76 11.08 4.45
C GLY A 311 14.36 11.29 3.96
N LYS A 312 13.72 10.24 3.43
CA LYS A 312 12.38 10.37 2.86
C LYS A 312 11.42 9.48 3.63
N ARG A 313 10.29 10.08 4.01
CA ARG A 313 9.23 9.34 4.68
C ARG A 313 8.56 8.46 3.61
N VAL A 314 8.42 7.17 3.95
CA VAL A 314 7.73 6.22 3.08
C VAL A 314 6.89 5.31 3.94
N MET A 315 5.97 4.59 3.29
CA MET A 315 5.15 3.56 3.92
C MET A 315 5.59 2.21 3.36
N LEU A 316 5.68 1.23 4.25
CA LEU A 316 6.01 -0.15 3.92
C LEU A 316 4.77 -0.96 4.16
N PHE A 317 4.55 -1.89 3.27
CA PHE A 317 3.32 -2.69 3.27
C PHE A 317 3.71 -4.10 2.92
N THR A 318 3.27 -5.08 3.71
CA THR A 318 3.58 -6.47 3.37
C THR A 318 2.30 -7.21 3.10
N HIS A 319 2.31 -8.09 2.11
CA HIS A 319 1.14 -8.90 1.81
C HIS A 319 1.54 -10.04 0.89
N PRO A 320 0.98 -11.23 1.12
CA PRO A 320 1.25 -12.33 0.21
C PRO A 320 0.53 -12.16 -1.08
N LEU A 321 1.11 -12.69 -2.17
CA LEU A 321 0.39 -12.73 -3.43
C LEU A 321 -0.70 -13.80 -3.42
N ASN A 322 -0.49 -14.85 -2.65
CA ASN A 322 -1.51 -15.88 -2.47
C ASN A 322 -1.92 -16.48 -3.82
N LEU A 323 -0.94 -16.76 -4.67
CA LEU A 323 -1.23 -17.40 -5.96
C LEU A 323 -1.90 -18.75 -5.79
N LYS A 324 -1.63 -19.43 -4.68
CA LYS A 324 -2.22 -20.73 -4.43
C LYS A 324 -3.67 -20.59 -3.92
N GLY A 325 -4.01 -19.41 -3.39
CA GLY A 325 -5.33 -19.11 -2.93
C GLY A 325 -5.56 -19.63 -1.53
N ARG A 326 -6.81 -19.47 -1.06
CA ARG A 326 -7.20 -19.91 0.23
C ARG A 326 -6.30 -19.22 1.27
N TRP A 327 -5.92 -19.94 2.33
CA TRP A 327 -5.07 -19.41 3.34
C TRP A 327 -3.61 -19.72 3.09
N MET A 328 -3.26 -20.21 1.91
CA MET A 328 -1.89 -20.66 1.64
C MET A 328 -0.96 -19.46 1.76
N ARG A 329 -1.32 -18.36 1.09
CA ARG A 329 -0.59 -17.09 1.33
C ARG A 329 0.90 -17.21 0.99
N ASP A 330 1.15 -17.88 -0.11
CA ASP A 330 2.48 -17.93 -0.69
C ASP A 330 2.92 -16.56 -1.15
N ARG A 331 4.21 -16.37 -1.21
CA ARG A 331 4.82 -15.24 -1.92
C ARG A 331 4.53 -13.91 -1.25
N LEU A 332 5.13 -13.76 -0.09
CA LEU A 332 5.02 -12.54 0.70
C LEU A 332 5.83 -11.47 0.02
N HIS A 333 5.17 -10.34 -0.29
CA HIS A 333 5.87 -9.21 -0.87
C HIS A 333 5.92 -8.06 0.10
N LEU A 334 6.91 -7.23 -0.15
CA LEU A 334 7.07 -5.95 0.55
C LEU A 334 6.99 -4.84 -0.47
N TRP A 335 6.15 -3.85 -0.23
CA TRP A 335 6.04 -2.69 -1.11
C TRP A 335 6.43 -1.46 -0.33
N MET A 336 6.94 -0.46 -1.05
CA MET A 336 7.33 0.79 -0.44
C MET A 336 6.66 1.88 -1.27
N THR A 337 6.00 2.80 -0.61
CA THR A 337 5.31 3.89 -1.30
C THR A 337 5.52 5.21 -0.59
N ASP A 338 5.63 6.27 -1.38
CA ASP A 338 5.63 7.66 -0.84
C ASP A 338 4.26 8.32 -1.01
N ASN A 339 3.22 7.50 -1.10
CA ASN A 339 1.84 7.94 -1.36
C ASN A 339 1.61 8.47 -2.78
N GLN A 340 2.58 8.22 -3.66
CA GLN A 340 2.51 8.64 -5.08
C GLN A 340 2.95 7.45 -5.89
N ARG A 341 4.21 7.12 -5.74
CA ARG A 341 4.76 5.92 -6.38
C ARG A 341 4.62 4.74 -5.47
N ILE A 342 4.51 3.56 -6.09
CA ILE A 342 4.41 2.33 -5.32
C ILE A 342 5.37 1.34 -5.90
N PHE A 343 6.39 1.03 -5.12
CA PHE A 343 7.47 0.16 -5.53
C PHE A 343 7.36 -1.21 -4.93
N ASP A 344 7.48 -2.24 -5.76
CA ASP A 344 7.50 -3.61 -5.27
C ASP A 344 8.94 -3.96 -4.92
N VAL A 345 9.24 -3.99 -3.64
CA VAL A 345 10.57 -4.23 -3.21
C VAL A 345 10.96 -5.67 -3.58
N GLY A 346 9.95 -6.54 -3.56
CA GLY A 346 10.09 -7.89 -4.01
C GLY A 346 9.44 -8.87 -3.06
N GLN A 347 9.61 -10.15 -3.41
CA GLN A 347 9.20 -11.24 -2.54
C GLN A 347 10.23 -11.48 -1.44
N ILE A 348 9.79 -11.44 -0.19
CA ILE A 348 10.64 -11.68 0.94
C ILE A 348 10.58 -13.08 1.55
N SER A 349 9.51 -13.82 1.26
CA SER A 349 9.46 -15.25 1.55
C SER A 349 10.31 -15.95 0.49
N ILE A 350 10.52 -17.26 0.66
CA ILE A 350 11.43 -18.03 -0.15
C ILE A 350 10.67 -18.96 -1.08
N GLY A 351 10.89 -18.75 -2.37
CA GLY A 351 10.36 -19.65 -3.37
C GLY A 351 8.86 -19.71 -3.28
N ASP A 352 8.27 -20.90 -3.36
CA ASP A 352 6.80 -20.96 -3.31
C ASP A 352 6.24 -21.37 -1.94
N GLU A 353 7.00 -21.12 -0.88
CA GLU A 353 6.57 -21.52 0.43
C GLU A 353 5.31 -20.74 0.82
N ASN A 354 4.49 -21.32 1.68
CA ASN A 354 3.33 -20.64 2.19
C ASN A 354 3.78 -19.76 3.35
N SER A 355 3.40 -18.50 3.29
CA SER A 355 3.72 -17.56 4.36
C SER A 355 2.47 -17.26 5.14
N GLY A 356 2.09 -16.00 5.31
CA GLY A 356 0.95 -15.66 6.09
C GLY A 356 1.05 -14.26 6.64
N TYR A 357 0.69 -14.12 7.88
CA TYR A 357 0.68 -12.82 8.54
C TYR A 357 2.14 -12.41 8.73
N SER A 358 2.36 -11.11 8.83
CA SER A 358 3.74 -10.59 8.72
C SER A 358 3.86 -9.30 9.47
N SER A 359 5.12 -8.88 9.66
CA SER A 359 5.48 -7.68 10.38
C SER A 359 6.80 -7.25 9.82
N VAL A 360 6.97 -5.93 9.73
CA VAL A 360 8.22 -5.39 9.27
C VAL A 360 8.64 -4.28 10.21
N LEU A 361 9.95 -4.17 10.42
CA LEU A 361 10.55 -3.29 11.37
C LEU A 361 11.79 -2.69 10.77
N TYR A 362 11.93 -1.36 10.90
CA TYR A 362 13.16 -0.68 10.50
C TYR A 362 13.69 -0.08 11.79
N LYS A 363 14.87 -0.55 12.18
CA LYS A 363 15.47 -0.28 13.44
C LYS A 363 16.97 -0.07 13.25
N ASP A 364 17.45 1.08 13.72
CA ASP A 364 18.89 1.43 13.64
C ASP A 364 19.44 1.15 12.22
N ASP A 365 18.69 1.59 11.21
CA ASP A 365 19.09 1.53 9.81
C ASP A 365 19.24 0.11 9.29
N LYS A 366 18.47 -0.79 9.89
CA LYS A 366 18.44 -2.16 9.40
C LYS A 366 16.98 -2.56 9.30
N LEU A 367 16.68 -3.41 8.33
CA LEU A 367 15.29 -3.77 8.03
C LEU A 367 15.07 -5.25 8.34
N TYR A 368 13.96 -5.56 8.99
CA TYR A 368 13.66 -6.89 9.44
C TYR A 368 12.23 -7.24 9.14
N SER A 369 11.97 -8.52 9.07
CA SER A 369 10.60 -8.99 9.09
C SER A 369 10.49 -10.14 10.05
N LEU A 370 9.30 -10.25 10.64
CA LEU A 370 8.89 -11.44 11.36
C LEU A 370 7.61 -11.89 10.66
N HIS A 371 7.62 -13.11 10.13
CA HIS A 371 6.48 -13.56 9.38
C HIS A 371 6.27 -15.04 9.46
N GLU A 372 5.04 -15.43 9.18
CA GLU A 372 4.64 -16.83 9.22
C GLU A 372 5.22 -17.60 8.07
N ILE A 373 5.56 -18.86 8.34
CA ILE A 373 5.72 -19.88 7.31
C ILE A 373 4.84 -21.04 7.77
N ASN A 374 4.24 -21.71 6.79
CA ASN A 374 3.19 -22.69 7.01
C ASN A 374 3.52 -23.90 6.16
N THR A 375 3.77 -25.03 6.82
CA THR A 375 3.80 -26.32 6.14
C THR A 375 2.81 -27.20 6.86
N ASN A 376 1.82 -27.69 6.12
CA ASN A 376 0.79 -28.56 6.66
C ASN A 376 -0.01 -27.96 7.82
N ASP A 377 -0.20 -26.66 7.75
CA ASP A 377 -0.83 -25.90 8.81
C ASP A 377 -0.20 -26.08 10.16
N VAL A 378 1.13 -26.15 10.16
CA VAL A 378 1.94 -25.98 11.36
C VAL A 378 2.80 -24.77 11.05
N TYR A 379 2.79 -23.81 11.96
CA TYR A 379 3.33 -22.49 11.66
C TYR A 379 4.52 -22.16 12.51
N SER A 380 5.54 -21.64 11.84
CA SER A 380 6.68 -21.01 12.50
C SER A 380 6.69 -19.53 12.19
N LEU A 381 7.47 -18.78 12.96
CA LEU A 381 7.71 -17.39 12.63
C LEU A 381 9.19 -17.28 12.32
N VAL A 382 9.49 -16.82 11.10
CA VAL A 382 10.85 -16.54 10.75
C VAL A 382 11.20 -15.07 10.96
N PHE A 383 12.44 -14.85 11.36
CA PHE A 383 13.00 -13.55 11.61
C PHE A 383 14.03 -13.30 10.54
N VAL A 384 13.74 -12.29 9.73
CA VAL A 384 14.39 -12.09 8.48
C VAL A 384 15.16 -10.79 8.48
N ARG A 385 16.42 -10.86 8.04
CA ARG A 385 17.31 -9.71 7.88
C ARG A 385 17.20 -9.30 6.44
N LEU A 386 16.45 -8.22 6.20
CA LEU A 386 16.15 -7.74 4.84
C LEU A 386 17.23 -6.81 4.35
N ILE A 387 18.40 -7.42 4.15
CA ILE A 387 19.58 -6.67 3.79
C ILE A 387 19.53 -6.30 2.32
N GLY A 388 19.26 -7.25 1.44
CA GLY A 388 19.28 -6.93 0.01
C GLY A 388 18.10 -6.01 -0.30
N GLU A 389 17.01 -6.21 0.42
CA GLU A 389 15.80 -5.43 0.24
C GLU A 389 16.06 -3.98 0.61
N LEU A 390 16.66 -3.75 1.77
CA LEU A 390 16.96 -2.39 2.17
C LEU A 390 17.85 -1.71 1.15
N GLN A 391 18.85 -2.40 0.61
CA GLN A 391 19.74 -1.81 -0.40
C GLN A 391 18.95 -1.29 -1.58
N LEU A 392 18.01 -2.12 -2.05
CA LEU A 392 17.24 -1.75 -3.22
C LEU A 392 16.33 -0.55 -2.84
N MET A 393 15.72 -0.61 -1.67
CA MET A 393 14.85 0.48 -1.19
C MET A 393 15.56 1.81 -1.14
N LYS A 394 16.77 1.77 -0.63
CA LYS A 394 17.55 3.02 -0.60
C LYS A 394 17.86 3.54 -1.97
N SER A 395 18.21 2.66 -2.91
CA SER A 395 18.43 3.02 -4.28
C SER A 395 17.24 3.72 -4.88
N VAL A 396 16.08 3.11 -4.69
CA VAL A 396 14.84 3.67 -5.23
C VAL A 396 14.54 5.02 -4.63
N VAL A 397 14.64 5.15 -3.30
CA VAL A 397 14.37 6.42 -2.68
C VAL A 397 15.36 7.45 -3.26
N ARG A 398 16.63 7.10 -3.39
CA ARG A 398 17.55 8.03 -4.03
C ARG A 398 17.07 8.44 -5.42
N THR A 399 16.59 7.49 -6.20
CA THR A 399 16.07 7.81 -7.56
C THR A 399 14.95 8.83 -7.43
N TRP A 400 14.03 8.56 -6.53
CA TRP A 400 12.85 9.41 -6.35
C TRP A 400 13.28 10.80 -5.95
N LYS A 401 14.17 10.86 -4.96
CA LYS A 401 14.67 12.17 -4.51
C LYS A 401 15.39 12.93 -5.61
N GLU A 402 16.26 12.23 -6.31
N GLU A 402 16.26 12.26 -6.35
CA GLU A 402 17.13 12.81 -7.35
CA GLU A 402 17.11 12.94 -7.35
C GLU A 402 16.25 13.39 -8.45
C GLU A 402 16.32 13.38 -8.59
N GLU A 403 15.33 12.59 -8.97
CA GLU A 403 14.45 13.03 -10.06
C GLU A 403 13.53 14.17 -9.62
N ASP A 404 12.89 14.05 -8.45
CA ASP A 404 12.02 15.13 -7.97
C ASP A 404 12.79 16.44 -7.83
N ASN A 405 13.97 16.34 -7.23
N ASN A 405 13.98 16.35 -7.24
CA ASN A 405 14.86 17.48 -6.99
CA ASN A 405 14.80 17.54 -7.00
C ASN A 405 15.26 18.11 -8.31
C ASN A 405 15.30 18.12 -8.31
N HIS A 406 15.62 17.24 -9.24
CA HIS A 406 16.04 17.69 -10.57
C HIS A 406 14.94 18.46 -11.24
N LEU A 407 13.75 17.88 -11.27
CA LEU A 407 12.59 18.52 -11.91
C LEU A 407 12.20 19.81 -11.22
N ALA A 408 12.21 19.80 -9.89
CA ALA A 408 11.79 20.95 -9.08
C ALA A 408 12.78 22.11 -9.20
N SER A 409 13.99 21.79 -9.65
CA SER A 409 15.10 22.74 -9.80
C SER A 409 15.23 23.33 -11.19
N ILE A 410 14.46 22.82 -12.14
CA ILE A 410 14.45 23.39 -13.47
C ILE A 410 13.95 24.81 -13.42
N CYS A 411 14.71 25.70 -14.07
CA CYS A 411 14.31 27.09 -14.18
C CYS A 411 13.39 27.22 -15.40
N THR A 412 12.08 27.24 -15.19
CA THR A 412 11.17 27.30 -16.31
C THR A 412 11.07 28.73 -16.83
N PRO A 413 10.54 28.91 -18.04
CA PRO A 413 10.44 30.29 -18.56
C PRO A 413 9.57 31.18 -17.72
N VAL A 414 9.97 32.45 -17.54
CA VAL A 414 9.09 33.43 -16.87
C VAL A 414 7.83 33.61 -17.69
N VAL A 415 6.73 33.94 -17.02
CA VAL A 415 5.48 34.25 -17.70
C VAL A 415 5.02 35.65 -17.27
N PRO A 416 4.07 36.25 -18.02
CA PRO A 416 3.72 37.62 -17.71
C PRO A 416 3.42 37.96 -16.27
N ALA A 417 2.87 37.05 -15.46
CA ALA A 417 2.70 37.40 -14.03
C ALA A 417 3.59 36.61 -13.07
N THR A 418 4.76 36.19 -13.56
CA THR A 418 5.79 35.68 -12.67
C THR A 418 6.20 36.80 -11.72
N PRO A 419 6.24 36.50 -10.40
CA PRO A 419 6.74 37.54 -9.48
C PRO A 419 8.27 37.61 -9.52
N PRO A 420 8.79 38.42 -10.47
CA PRO A 420 10.24 38.58 -10.74
C PRO A 420 11.27 37.82 -9.84
N SER A 421 11.09 36.52 -9.63
CA SER A 421 11.66 35.84 -8.46
C SER A 421 13.17 35.55 -8.50
N LYS A 422 13.55 34.35 -8.08
CA LYS A 422 14.97 34.00 -7.89
C LYS A 422 15.44 33.20 -9.08
N GLY A 423 16.50 33.69 -9.73
CA GLY A 423 17.04 33.00 -10.89
C GLY A 423 16.29 33.38 -12.14
N GLY A 424 15.23 34.16 -11.95
CA GLY A 424 14.41 34.61 -13.05
C GLY A 424 13.59 33.49 -13.65
N CYS A 425 12.99 32.67 -12.80
CA CYS A 425 12.33 31.46 -13.29
C CYS A 425 10.83 31.56 -13.12
N GLY A 426 10.08 30.85 -13.95
CA GLY A 426 8.65 30.76 -13.78
C GLY A 426 8.36 29.66 -12.77
N ALA A 427 7.14 29.19 -12.74
CA ALA A 427 6.74 28.24 -11.71
C ALA A 427 7.49 26.92 -11.88
N ALA A 428 7.63 26.18 -10.78
CA ALA A 428 8.37 24.93 -10.84
C ALA A 428 7.61 23.93 -11.65
N VAL A 429 8.36 23.08 -12.35
CA VAL A 429 7.81 21.88 -12.94
C VAL A 429 7.11 21.12 -11.80
N PRO A 430 5.84 20.74 -11.98
CA PRO A 430 5.17 20.07 -10.87
C PRO A 430 5.71 18.68 -10.56
N THR A 431 5.99 18.44 -9.30
CA THR A 431 6.46 17.15 -8.86
C THR A 431 5.51 16.54 -7.82
N ALA A 432 4.63 17.34 -7.20
CA ALA A 432 3.67 16.80 -6.26
C ALA A 432 2.68 15.98 -7.03
N GLY A 433 2.54 14.72 -6.68
CA GLY A 433 1.60 13.83 -7.34
C GLY A 433 2.13 13.29 -8.64
N LEU A 434 3.42 13.47 -8.93
CA LEU A 434 4.04 12.94 -10.15
C LEU A 434 4.33 11.47 -9.87
N VAL A 435 3.56 10.58 -10.51
CA VAL A 435 3.64 9.16 -10.22
C VAL A 435 4.61 8.40 -11.14
N GLY A 436 4.59 8.68 -12.43
CA GLY A 436 5.42 7.93 -13.38
C GLY A 436 5.87 8.84 -14.48
N PHE A 437 6.97 8.47 -15.12
CA PHE A 437 7.58 9.33 -16.13
C PHE A 437 8.32 8.40 -17.05
N LEU A 438 7.97 8.47 -18.33
CA LEU A 438 8.61 7.71 -19.39
C LEU A 438 9.40 8.73 -20.21
N SER A 439 10.69 8.53 -20.30
CA SER A 439 11.59 9.47 -20.94
C SER A 439 12.64 8.71 -21.72
N HIS A 440 13.91 9.03 -21.52
CA HIS A 440 14.91 8.56 -22.47
C HIS A 440 15.16 7.08 -22.40
N SER A 441 15.19 6.53 -21.20
CA SER A 441 15.64 5.13 -21.05
C SER A 441 14.54 4.21 -21.55
N ALA A 442 14.87 3.37 -22.50
CA ALA A 442 13.95 2.42 -23.07
C ALA A 442 14.76 1.41 -23.84
N ASN A 443 14.11 0.32 -24.21
CA ASN A 443 14.64 -0.53 -25.28
C ASN A 443 13.50 -0.92 -26.25
N GLY A 444 13.68 -2.01 -26.99
CA GLY A 444 12.67 -2.39 -28.00
C GLY A 444 11.37 -2.89 -27.41
N SER A 445 11.41 -3.32 -26.15
CA SER A 445 10.18 -3.85 -25.48
C SER A 445 9.75 -3.17 -24.19
N VAL A 446 10.63 -2.39 -23.56
CA VAL A 446 10.29 -1.74 -22.29
C VAL A 446 10.66 -0.26 -22.35
N TRP A 447 9.72 0.59 -21.92
CA TRP A 447 9.98 2.03 -21.74
C TRP A 447 10.02 2.20 -20.24
N GLU A 448 11.17 2.57 -19.71
CA GLU A 448 11.41 2.51 -18.28
C GLU A 448 10.73 3.69 -17.58
N ASP A 449 9.99 3.39 -16.54
CA ASP A 449 9.53 4.41 -15.58
C ASP A 449 10.78 4.98 -14.92
N VAL A 450 10.95 6.27 -15.07
CA VAL A 450 12.02 6.96 -14.38
C VAL A 450 11.93 6.75 -12.86
N TYR A 451 10.70 6.61 -12.36
CA TYR A 451 10.50 6.39 -10.93
C TYR A 451 10.52 4.92 -10.55
N ARG A 452 10.83 4.04 -11.50
CA ARG A 452 11.20 2.66 -11.23
C ARG A 452 10.09 1.77 -10.72
N CYS A 453 8.85 2.15 -10.93
CA CYS A 453 7.73 1.38 -10.44
C CYS A 453 6.95 0.60 -11.54
N VAL A 454 6.51 1.31 -12.57
CA VAL A 454 5.68 0.74 -13.61
C VAL A 454 6.15 1.12 -14.99
N ASP A 455 6.84 0.17 -15.64
CA ASP A 455 7.30 0.37 -17.01
C ASP A 455 6.15 0.27 -17.98
N ALA A 456 6.32 0.84 -19.15
CA ALA A 456 5.39 0.66 -20.25
C ALA A 456 5.98 -0.41 -21.17
N ASN A 457 5.12 -1.20 -21.78
CA ASN A 457 5.50 -2.23 -22.70
C ASN A 457 5.37 -1.66 -24.07
N VAL A 458 6.34 -1.95 -24.92
CA VAL A 458 6.55 -1.31 -26.19
C VAL A 458 6.53 -2.32 -27.34
N ALA A 459 6.08 -1.87 -28.52
CA ALA A 459 6.13 -2.67 -29.75
C ALA A 459 6.43 -1.73 -30.88
N ASN A 460 7.16 -2.24 -31.85
CA ASN A 460 7.45 -1.52 -33.10
C ASN A 460 7.87 -0.07 -32.88
N ALA A 461 8.95 0.08 -32.12
CA ALA A 461 9.45 1.36 -31.71
C ALA A 461 10.93 1.46 -32.01
N GLU A 462 11.37 2.68 -32.19
CA GLU A 462 12.76 3.03 -32.32
C GLU A 462 13.02 4.13 -31.31
N ARG A 463 14.19 4.10 -30.69
CA ARG A 463 14.52 5.10 -29.70
C ARG A 463 14.85 6.44 -30.36
N VAL A 464 14.38 7.51 -29.73
CA VAL A 464 14.73 8.87 -30.02
C VAL A 464 15.02 9.54 -28.69
N PRO A 465 15.66 10.71 -28.72
CA PRO A 465 15.89 11.39 -27.47
C PRO A 465 14.59 11.52 -26.68
N ASN A 466 14.62 11.03 -25.44
CA ASN A 466 13.51 11.16 -24.50
C ASN A 466 12.28 10.38 -24.85
N GLY A 467 12.38 9.41 -25.77
CA GLY A 467 11.19 8.62 -26.04
C GLY A 467 11.33 7.71 -27.22
N LEU A 468 10.24 7.55 -27.92
CA LEU A 468 10.10 6.51 -28.92
C LEU A 468 9.37 6.99 -30.13
N LYS A 469 9.81 6.46 -31.27
CA LYS A 469 9.17 6.70 -32.55
C LYS A 469 8.55 5.38 -32.96
N PHE A 470 7.29 5.40 -33.35
CA PHE A 470 6.54 4.18 -33.63
C PHE A 470 6.34 3.95 -35.11
N ASN A 471 6.59 2.71 -35.54
CA ASN A 471 6.42 2.39 -36.93
C ASN A 471 6.22 0.89 -37.05
N GLY A 472 5.00 0.54 -37.37
CA GLY A 472 4.60 -0.83 -37.60
C GLY A 472 3.30 -1.14 -36.91
N VAL A 473 2.76 -2.31 -37.19
CA VAL A 473 1.49 -2.73 -36.62
C VAL A 473 1.56 -2.74 -35.12
N GLY A 474 0.68 -1.98 -34.48
CA GLY A 474 0.73 -1.95 -33.02
C GLY A 474 1.93 -1.20 -32.42
N GLY A 475 2.55 -0.36 -33.25
CA GLY A 475 3.59 0.54 -32.80
C GLY A 475 3.03 1.43 -31.74
N GLY A 476 3.61 1.32 -30.56
CA GLY A 476 3.15 2.14 -29.45
C GLY A 476 3.56 1.52 -28.14
N ALA A 477 3.06 2.11 -27.06
CA ALA A 477 3.36 1.64 -25.72
C ALA A 477 2.11 1.50 -24.92
N VAL A 478 2.11 0.51 -24.06
CA VAL A 478 1.01 0.27 -23.15
C VAL A 478 1.53 0.50 -21.75
N TRP A 479 0.91 1.45 -21.05
CA TRP A 479 1.29 1.76 -19.65
C TRP A 479 0.17 1.15 -18.83
N PRO A 480 0.43 -0.03 -18.25
CA PRO A 480 -0.67 -0.82 -17.72
C PRO A 480 -1.32 -0.18 -16.49
N VAL A 481 -2.64 -0.25 -16.44
CA VAL A 481 -3.40 0.25 -15.28
C VAL A 481 -4.03 -1.02 -14.68
N ALA A 482 -5.25 -1.36 -15.06
CA ALA A 482 -5.83 -2.62 -14.63
C ALA A 482 -4.96 -3.76 -15.13
N ARG A 483 -4.34 -3.61 -16.31
CA ARG A 483 -3.40 -4.61 -16.87
C ARG A 483 -2.16 -4.86 -16.02
N GLN A 484 -1.95 -4.11 -14.92
CA GLN A 484 -0.94 -4.49 -13.97
C GLN A 484 -1.26 -5.83 -13.30
N GLY A 485 -2.54 -6.22 -13.32
CA GLY A 485 -2.97 -7.50 -12.79
C GLY A 485 -3.37 -7.41 -11.37
N GLN A 486 -2.68 -8.13 -10.51
CA GLN A 486 -3.15 -8.25 -9.13
C GLN A 486 -3.04 -6.95 -8.34
N THR A 487 -1.86 -6.34 -8.36
CA THR A 487 -1.61 -5.13 -7.58
C THR A 487 -1.74 -4.00 -8.55
N ARG A 488 -2.74 -3.16 -8.33
CA ARG A 488 -3.11 -2.14 -9.30
C ARG A 488 -2.59 -0.79 -8.84
N ARG A 489 -1.31 -0.53 -9.10
CA ARG A 489 -0.66 0.67 -8.55
C ARG A 489 -1.14 2.00 -9.14
N TYR A 490 -1.77 1.92 -10.33
CA TYR A 490 -2.33 3.08 -10.98
C TYR A 490 -3.86 3.14 -10.87
N GLN A 491 -4.39 2.44 -9.87
CA GLN A 491 -5.83 2.45 -9.62
C GLN A 491 -6.35 3.85 -9.40
N PHE A 492 -5.50 4.74 -8.89
CA PHE A 492 -5.89 6.14 -8.69
C PHE A 492 -6.48 6.77 -9.94
N ALA A 493 -6.05 6.31 -11.12
CA ALA A 493 -6.36 6.97 -12.39
C ALA A 493 -7.86 6.91 -12.67
N ASN A 494 -8.51 5.87 -12.11
CA ASN A 494 -9.96 5.80 -12.23
C ASN A 494 -10.70 6.90 -11.54
N TYR A 495 -10.04 7.52 -10.58
CA TYR A 495 -10.61 8.67 -9.86
C TYR A 495 -10.13 10.00 -10.41
N ARG A 496 -8.82 10.10 -10.66
CA ARG A 496 -8.27 11.28 -11.30
C ARG A 496 -6.87 11.02 -11.84
N PHE A 497 -6.53 11.73 -12.90
CA PHE A 497 -5.17 11.72 -13.38
C PHE A 497 -4.88 12.87 -14.30
N THR A 498 -3.61 13.11 -14.51
CA THR A 498 -3.20 13.92 -15.65
C THR A 498 -2.14 13.12 -16.36
N LEU A 499 -2.26 13.08 -17.68
CA LEU A 499 -1.28 12.40 -18.51
C LEU A 499 -0.77 13.43 -19.50
N VAL A 500 0.56 13.53 -19.61
CA VAL A 500 1.24 14.57 -20.38
C VAL A 500 2.19 13.91 -21.32
N ALA A 501 2.34 14.46 -22.52
CA ALA A 501 3.35 13.96 -23.44
C ALA A 501 3.70 15.02 -24.44
N THR A 502 4.87 14.89 -25.04
CA THR A 502 5.22 15.68 -26.17
C THR A 502 5.16 14.72 -27.35
N VAL A 503 4.60 15.19 -28.46
CA VAL A 503 4.34 14.33 -29.61
C VAL A 503 4.71 15.00 -30.91
N THR A 504 5.04 14.16 -31.90
CA THR A 504 5.09 14.59 -33.30
C THR A 504 4.31 13.56 -34.09
N ILE A 505 3.57 14.05 -35.09
CA ILE A 505 2.96 13.17 -36.07
C ILE A 505 3.91 13.11 -37.23
N ASP A 506 4.35 11.90 -37.55
CA ASP A 506 5.44 11.68 -38.47
C ASP A 506 4.94 11.41 -39.87
N GLU A 507 3.80 10.72 -39.96
CA GLU A 507 3.15 10.45 -41.24
C GLU A 507 1.66 10.55 -41.12
N LEU A 508 1.01 11.02 -42.18
CA LEU A 508 -0.43 11.20 -42.16
C LEU A 508 -1.09 9.85 -42.00
N PRO A 509 -2.19 9.79 -41.26
CA PRO A 509 -2.97 8.57 -41.16
C PRO A 509 -3.85 8.40 -42.36
N LYS A 510 -4.28 7.18 -42.60
CA LYS A 510 -5.25 6.91 -43.66
C LYS A 510 -6.59 7.55 -43.33
N GLY A 511 -7.04 7.41 -42.09
CA GLY A 511 -8.29 8.01 -41.64
C GLY A 511 -8.03 8.67 -40.30
N THR A 512 -8.35 7.95 -39.22
CA THR A 512 -8.05 8.43 -37.86
C THR A 512 -7.07 7.45 -37.22
N SER A 513 -6.15 7.93 -36.38
CA SER A 513 -5.24 7.02 -35.70
C SER A 513 -5.04 7.54 -34.27
N PRO A 514 -4.82 6.62 -33.33
CA PRO A 514 -4.70 6.98 -31.93
C PRO A 514 -3.35 7.58 -31.59
N LEU A 515 -3.34 8.45 -30.58
CA LEU A 515 -2.12 9.08 -30.13
C LEU A 515 -1.82 8.90 -28.64
N LEU A 516 -2.80 9.18 -27.81
CA LEU A 516 -2.57 9.16 -26.37
C LEU A 516 -3.90 9.03 -25.69
N GLY A 517 -4.01 8.18 -24.70
CA GLY A 517 -5.24 8.11 -23.97
C GLY A 517 -5.29 7.06 -22.91
N ALA A 518 -6.48 6.89 -22.36
CA ALA A 518 -6.76 5.93 -21.30
C ALA A 518 -7.86 5.03 -21.84
N GLY A 519 -7.52 3.77 -22.01
CA GLY A 519 -8.45 2.75 -22.45
C GLY A 519 -9.23 2.21 -21.29
N LEU A 520 -10.41 1.69 -21.60
CA LEU A 520 -11.28 1.07 -20.63
C LEU A 520 -11.35 -0.45 -20.83
N GLU A 521 -11.39 -1.18 -19.72
CA GLU A 521 -11.65 -2.61 -19.77
C GLU A 521 -13.03 -2.85 -20.39
N GLY A 522 -13.20 -4.00 -21.05
CA GLY A 522 -14.49 -4.33 -21.68
C GLY A 522 -14.39 -4.43 -23.20
N PRO A 523 -15.37 -5.09 -23.82
CA PRO A 523 -15.37 -5.20 -25.29
C PRO A 523 -15.64 -3.87 -25.97
N GLY A 524 -15.35 -3.88 -27.24
CA GLY A 524 -15.47 -2.73 -28.03
C GLY A 524 -14.10 -2.16 -27.82
N ASP A 525 -14.01 -0.87 -27.92
CA ASP A 525 -12.71 -0.28 -28.03
C ASP A 525 -12.84 1.01 -27.26
N ALA A 526 -13.43 0.93 -26.07
CA ALA A 526 -13.89 2.13 -25.39
C ALA A 526 -12.73 2.83 -24.76
N LYS A 527 -12.78 4.15 -24.80
CA LYS A 527 -11.77 4.99 -24.15
C LYS A 527 -12.43 5.92 -23.17
N LEU A 528 -11.74 6.19 -22.08
CA LEU A 528 -12.22 7.15 -21.10
C LEU A 528 -11.93 8.54 -21.59
N LEU A 529 -10.70 8.76 -22.04
CA LEU A 529 -10.28 10.07 -22.46
C LEU A 529 -9.05 9.88 -23.32
N GLY A 530 -8.95 10.56 -24.44
CA GLY A 530 -7.81 10.35 -25.28
C GLY A 530 -7.79 11.32 -26.43
N LEU A 531 -6.79 11.16 -27.24
CA LEU A 531 -6.61 12.01 -28.39
C LEU A 531 -6.17 11.16 -29.58
N SER A 532 -6.87 11.39 -30.69
CA SER A 532 -6.55 10.83 -31.98
C SER A 532 -6.28 11.97 -32.94
N TYR A 533 -5.84 11.64 -34.15
CA TYR A 533 -5.53 12.63 -35.15
C TYR A 533 -5.95 12.02 -36.50
N ASP A 534 -6.20 12.88 -37.47
CA ASP A 534 -6.80 12.38 -38.71
C ASP A 534 -6.17 12.91 -39.97
N LYS A 535 -6.64 12.34 -41.08
CA LYS A 535 -6.03 12.61 -42.38
C LYS A 535 -6.21 14.03 -42.85
N ASN A 536 -7.15 14.72 -42.23
CA ASN A 536 -7.41 16.15 -42.53
C ASN A 536 -6.56 17.07 -41.69
N ARG A 537 -5.62 16.48 -40.97
CA ARG A 537 -4.75 17.21 -40.09
C ARG A 537 -5.55 17.92 -38.98
N GLN A 538 -6.61 17.26 -38.52
CA GLN A 538 -7.30 17.72 -37.34
C GLN A 538 -7.09 16.80 -36.16
N TRP A 539 -7.32 17.32 -34.98
CA TRP A 539 -7.30 16.52 -33.77
C TRP A 539 -8.67 15.90 -33.57
N ARG A 540 -8.66 14.72 -33.00
CA ARG A 540 -9.90 14.05 -32.62
C ARG A 540 -9.80 13.65 -31.16
N PRO A 541 -10.16 14.60 -30.28
CA PRO A 541 -10.21 14.29 -28.86
C PRO A 541 -11.38 13.36 -28.59
N LEU A 542 -11.18 12.47 -27.62
CA LEU A 542 -12.12 11.44 -27.30
C LEU A 542 -12.51 11.68 -25.85
N TYR A 543 -13.78 12.04 -25.65
CA TYR A 543 -14.29 12.39 -24.31
C TYR A 543 -15.29 11.33 -23.90
N GLY A 544 -14.80 10.24 -23.32
CA GLY A 544 -15.62 9.13 -22.96
C GLY A 544 -16.24 8.52 -24.19
N ALA A 545 -17.55 8.29 -24.12
CA ALA A 545 -18.27 7.58 -25.16
C ALA A 545 -18.77 8.50 -26.26
N ALA A 546 -18.59 9.81 -26.06
CA ALA A 546 -19.10 10.85 -26.98
C ALA A 546 -18.54 10.64 -28.37
N PRO A 547 -19.37 10.85 -29.40
CA PRO A 547 -18.79 10.75 -30.74
C PRO A 547 -17.64 11.70 -30.85
N ALA A 548 -16.51 11.21 -31.34
CA ALA A 548 -15.30 11.99 -31.37
C ALA A 548 -15.18 12.88 -32.60
N SER A 549 -15.68 14.12 -32.43
CA SER A 549 -15.70 15.22 -33.41
C SER A 549 -14.35 15.93 -33.66
N PRO A 550 -13.92 15.96 -34.93
CA PRO A 550 -12.62 16.60 -35.21
C PRO A 550 -12.61 18.07 -34.95
N THR A 551 -11.44 18.59 -34.62
CA THR A 551 -11.30 19.98 -34.29
C THR A 551 -9.88 20.45 -34.54
N GLY A 552 -9.74 21.75 -34.83
CA GLY A 552 -8.42 22.37 -34.82
C GLY A 552 -7.59 21.94 -36.01
N SER A 553 -6.27 22.08 -35.87
CA SER A 553 -5.32 21.91 -36.94
C SER A 553 -3.93 21.61 -36.41
N TRP A 554 -3.22 20.69 -37.04
CA TRP A 554 -1.82 20.44 -36.72
C TRP A 554 -1.05 20.23 -38.03
N GLU A 555 0.27 20.24 -37.91
CA GLU A 555 1.17 20.06 -39.03
C GLU A 555 2.02 18.85 -38.77
N LEU A 556 2.36 18.13 -39.83
CA LEU A 556 3.27 17.04 -39.70
C LEU A 556 4.61 17.53 -39.18
N HIS A 557 5.28 16.68 -38.41
CA HIS A 557 6.63 16.89 -37.95
C HIS A 557 6.82 17.92 -36.84
N LYS A 558 5.80 18.66 -36.51
CA LYS A 558 5.86 19.69 -35.51
C LYS A 558 5.59 19.06 -34.15
N LYS A 559 6.35 19.50 -33.15
CA LYS A 559 6.17 19.00 -31.80
C LYS A 559 4.98 19.72 -31.16
N TYR A 560 4.10 18.93 -30.56
CA TYR A 560 2.99 19.44 -29.78
C TYR A 560 3.02 18.89 -28.37
N HIS A 561 2.41 19.64 -27.48
CA HIS A 561 2.32 19.27 -26.10
C HIS A 561 0.91 18.79 -25.89
N VAL A 562 0.76 17.61 -25.31
CA VAL A 562 -0.57 17.07 -25.07
C VAL A 562 -0.73 16.83 -23.56
N VAL A 563 -1.84 17.29 -23.03
CA VAL A 563 -2.22 17.04 -21.61
C VAL A 563 -3.66 16.55 -21.62
N LEU A 564 -3.85 15.39 -21.00
CA LEU A 564 -5.20 14.86 -20.69
C LEU A 564 -5.43 15.00 -19.21
N THR A 565 -6.53 15.61 -18.79
CA THR A 565 -6.86 15.66 -17.38
C THR A 565 -8.20 15.04 -17.16
N MET A 566 -8.33 14.34 -16.03
CA MET A 566 -9.60 13.75 -15.67
C MET A 566 -9.69 13.91 -14.15
N ALA A 567 -10.72 14.61 -13.70
CA ALA A 567 -11.04 14.54 -12.31
C ALA A 567 -12.49 14.93 -12.18
N ASP A 568 -13.10 14.53 -11.08
CA ASP A 568 -14.54 14.75 -10.89
C ASP A 568 -15.35 14.30 -12.10
N ARG A 569 -14.93 13.20 -12.72
CA ARG A 569 -15.56 12.62 -13.89
C ARG A 569 -15.57 13.47 -15.14
N GLN A 570 -14.78 14.55 -15.12
CA GLN A 570 -14.68 15.48 -16.25
C GLN A 570 -13.38 15.31 -16.95
N GLY A 571 -13.38 15.41 -18.27
CA GLY A 571 -12.15 15.20 -19.04
C GLY A 571 -11.86 16.38 -19.91
N SER A 572 -10.58 16.77 -19.98
CA SER A 572 -10.15 17.80 -20.90
C SER A 572 -8.92 17.28 -21.63
N VAL A 573 -8.75 17.78 -22.84
CA VAL A 573 -7.59 17.46 -23.68
C VAL A 573 -7.04 18.81 -24.12
N TYR A 574 -5.78 19.05 -23.81
CA TYR A 574 -5.07 20.26 -24.17
C TYR A 574 -3.99 19.95 -25.19
N VAL A 575 -3.88 20.80 -26.20
CA VAL A 575 -2.78 20.75 -27.12
C VAL A 575 -2.13 22.14 -26.98
N ASP A 576 -0.81 22.16 -26.80
CA ASP A 576 -0.06 23.38 -26.58
C ASP A 576 -0.67 24.30 -25.55
N GLY A 577 -1.11 23.69 -24.45
CA GLY A 577 -1.56 24.39 -23.27
C GLY A 577 -2.93 24.99 -23.38
N GLN A 578 -3.67 24.66 -24.45
CA GLN A 578 -5.03 25.16 -24.67
C GLN A 578 -5.98 24.00 -24.87
N PRO A 579 -7.16 24.08 -24.27
CA PRO A 579 -8.09 22.98 -24.35
C PRO A 579 -8.68 22.88 -25.74
N LEU A 580 -8.85 21.65 -26.20
CA LEU A 580 -9.53 21.41 -27.47
C LEU A 580 -11.06 21.50 -27.25
N ALA A 581 -11.77 21.89 -28.28
CA ALA A 581 -13.23 21.89 -28.26
C ALA A 581 -13.74 20.60 -27.68
N GLY A 582 -14.69 20.73 -26.78
CA GLY A 582 -15.36 19.59 -26.22
C GLY A 582 -14.84 19.23 -24.86
N SER A 583 -13.76 19.88 -24.44
CA SER A 583 -13.19 19.62 -23.13
C SER A 583 -14.10 20.17 -22.03
N GLY A 584 -13.91 19.63 -20.84
CA GLY A 584 -14.56 20.10 -19.65
C GLY A 584 -15.89 19.49 -19.34
N ASN A 585 -16.25 18.45 -20.06
CA ASN A 585 -17.50 17.78 -19.85
C ASN A 585 -17.29 16.45 -19.16
N THR A 586 -18.41 15.84 -18.80
CA THR A 586 -18.39 14.56 -18.14
C THR A 586 -18.04 13.44 -19.07
N VAL A 587 -17.02 12.67 -18.69
CA VAL A 587 -16.54 11.54 -19.48
C VAL A 587 -16.91 10.18 -18.92
N VAL A 588 -17.32 10.15 -17.65
CA VAL A 588 -17.79 8.92 -17.03
C VAL A 588 -19.14 9.19 -16.40
N ARG A 589 -20.06 8.26 -16.66
CA ARG A 589 -21.42 8.30 -16.17
C ARG A 589 -21.62 7.17 -15.20
N GLY A 590 -22.39 7.44 -14.17
CA GLY A 590 -22.62 6.49 -13.09
C GLY A 590 -21.86 6.92 -11.86
N ALA A 591 -22.06 6.15 -10.79
CA ALA A 591 -21.30 6.28 -9.56
C ALA A 591 -20.50 5.01 -9.40
N THR A 592 -20.17 4.38 -10.54
CA THR A 592 -19.27 3.23 -10.55
C THR A 592 -17.95 3.72 -11.12
N LEU A 593 -16.85 3.55 -10.37
CA LEU A 593 -15.58 3.99 -10.93
C LEU A 593 -15.35 3.31 -12.30
N PRO A 594 -14.76 4.04 -13.23
CA PRO A 594 -14.19 3.49 -14.47
C PRO A 594 -13.21 2.42 -14.10
N ASP A 595 -12.85 1.57 -15.07
CA ASP A 595 -11.81 0.59 -14.90
C ASP A 595 -10.88 0.72 -16.10
N ILE A 596 -9.93 1.62 -15.96
CA ILE A 596 -8.98 1.86 -17.02
C ILE A 596 -8.04 0.69 -17.17
N SER A 597 -7.93 0.19 -18.39
CA SER A 597 -7.10 -0.94 -18.65
C SER A 597 -5.65 -0.53 -18.67
N HIS A 598 -5.41 0.58 -19.35
CA HIS A 598 -4.06 1.06 -19.60
C HIS A 598 -4.11 2.46 -20.15
N PHE A 599 -2.97 3.15 -20.06
CA PHE A 599 -2.73 4.28 -20.94
C PHE A 599 -2.07 3.80 -22.22
N TYR A 600 -2.50 4.32 -23.34
CA TYR A 600 -1.89 3.98 -24.63
C TYR A 600 -1.15 5.18 -25.13
N ILE A 601 -0.01 4.92 -25.75
CA ILE A 601 0.85 5.96 -26.26
C ILE A 601 1.11 5.49 -27.67
N GLY A 602 0.72 6.28 -28.67
CA GLY A 602 0.75 5.81 -30.04
C GLY A 602 -0.44 4.89 -30.25
N GLY A 603 -0.26 3.86 -31.07
CA GLY A 603 -1.36 2.92 -31.34
C GLY A 603 -1.07 1.46 -31.05
N PRO A 604 -0.76 1.13 -29.80
CA PRO A 604 -0.49 -0.26 -29.44
C PRO A 604 -1.73 -1.10 -29.60
N ARG A 605 -1.54 -2.36 -29.96
CA ARG A 605 -2.65 -3.30 -29.96
C ARG A 605 -2.04 -4.64 -30.18
N SER A 606 -2.75 -5.65 -29.70
CA SER A 606 -2.31 -7.03 -29.83
C SER A 606 -3.32 -7.84 -30.62
N LYS A 607 -4.35 -7.19 -31.13
CA LYS A 607 -5.52 -7.84 -31.71
C LYS A 607 -6.35 -6.78 -32.40
N GLY A 608 -7.36 -7.21 -33.15
CA GLY A 608 -8.27 -6.24 -33.74
C GLY A 608 -7.61 -5.52 -34.89
N ALA A 609 -8.07 -4.31 -35.18
CA ALA A 609 -7.54 -3.54 -36.31
C ALA A 609 -6.03 -3.38 -36.16
N PRO A 610 -5.30 -3.48 -37.27
CA PRO A 610 -3.84 -3.35 -37.30
C PRO A 610 -3.39 -1.90 -37.34
N THR A 611 -3.72 -1.18 -36.27
CA THR A 611 -3.38 0.22 -36.14
C THR A 611 -1.90 0.40 -36.27
N ASP A 612 -1.50 1.45 -36.95
CA ASP A 612 -0.09 1.76 -37.14
C ASP A 612 -0.02 3.27 -37.16
N SER A 613 0.10 3.83 -35.97
CA SER A 613 0.18 5.28 -35.74
C SER A 613 1.62 5.68 -35.89
N ARG A 614 1.90 6.48 -36.92
CA ARG A 614 3.27 6.95 -37.17
C ARG A 614 3.49 8.26 -36.43
N VAL A 615 3.79 8.12 -35.15
CA VAL A 615 4.06 9.23 -34.23
C VAL A 615 5.28 8.95 -33.40
N THR A 616 5.79 10.03 -32.82
CA THR A 616 6.93 9.97 -31.92
C THR A 616 6.49 10.61 -30.66
N VAL A 617 6.69 9.94 -29.53
CA VAL A 617 6.24 10.48 -28.27
C VAL A 617 7.38 10.47 -27.31
N THR A 618 7.52 11.60 -26.58
CA THR A 618 8.58 11.75 -25.61
C THR A 618 8.04 12.31 -24.31
N ASN A 619 8.73 12.01 -23.23
CA ASN A 619 8.46 12.63 -21.93
C ASN A 619 7.01 12.53 -21.56
N VAL A 620 6.59 11.31 -21.29
CA VAL A 620 5.21 11.03 -20.88
C VAL A 620 5.17 11.06 -19.38
N VAL A 621 4.34 11.94 -18.82
CA VAL A 621 4.29 12.14 -17.39
C VAL A 621 2.88 11.83 -16.91
N LEU A 622 2.82 11.17 -15.77
CA LEU A 622 1.57 10.77 -15.16
C LEU A 622 1.52 11.31 -13.74
N TYR A 623 0.39 11.98 -13.44
CA TYR A 623 0.12 12.57 -12.13
C TYR A 623 -1.18 11.97 -11.59
N ASN A 624 -1.27 11.84 -10.26
CA ASN A 624 -2.46 11.29 -9.63
C ASN A 624 -3.46 12.37 -9.25
N ARG A 625 -3.48 13.44 -10.03
CA ARG A 625 -4.41 14.53 -9.78
C ARG A 625 -4.54 15.32 -11.06
N ARG A 626 -5.52 16.21 -11.10
CA ARG A 626 -5.68 17.12 -12.22
C ARG A 626 -4.78 18.33 -12.03
N LEU A 627 -3.75 18.46 -12.86
CA LEU A 627 -2.89 19.63 -12.83
C LEU A 627 -3.74 20.86 -13.03
N ASN A 628 -3.35 21.94 -12.37
CA ASN A 628 -4.01 23.22 -12.54
C ASN A 628 -3.46 24.00 -13.70
N SER A 629 -4.08 25.14 -14.00
CA SER A 629 -3.75 25.84 -15.20
C SER A 629 -2.29 26.30 -15.17
N SER A 630 -1.79 26.71 -14.02
CA SER A 630 -0.44 27.18 -13.92
C SER A 630 0.51 26.03 -14.25
N GLU A 631 0.21 24.88 -13.70
CA GLU A 631 1.06 23.68 -13.90
C GLU A 631 1.08 23.21 -15.34
N ILE A 632 -0.08 23.23 -15.99
CA ILE A 632 -0.17 22.88 -17.38
C ILE A 632 0.69 23.83 -18.21
N ARG A 633 0.56 25.13 -17.93
CA ARG A 633 1.36 26.11 -18.67
C ARG A 633 2.85 25.88 -18.45
N THR A 634 3.21 25.64 -17.21
CA THR A 634 4.62 25.37 -16.88
C THR A 634 5.18 24.21 -17.67
N LEU A 635 4.44 23.13 -17.73
CA LEU A 635 4.89 21.98 -18.51
C LEU A 635 4.95 22.32 -19.99
N PHE A 636 3.95 23.03 -20.50
CA PHE A 636 3.99 23.42 -21.91
C PHE A 636 5.26 24.21 -22.21
N LEU A 637 5.62 25.09 -21.29
CA LEU A 637 6.81 25.94 -21.54
C LEU A 637 8.16 25.30 -21.26
N SER A 638 8.15 24.19 -20.57
CA SER A 638 9.38 23.54 -20.13
C SER A 638 9.66 22.18 -20.83
N GLN A 639 9.02 21.96 -21.97
CA GLN A 639 9.12 20.65 -22.61
C GLN A 639 10.48 20.24 -22.99
N ASP A 640 11.34 21.21 -23.31
CA ASP A 640 12.70 20.89 -23.67
C ASP A 640 13.63 20.75 -22.50
N MET A 641 13.10 20.88 -21.28
CA MET A 641 13.90 20.93 -20.08
C MET A 641 13.80 19.69 -19.22
N ILE A 642 12.76 18.90 -19.39
CA ILE A 642 12.45 17.84 -18.42
C ILE A 642 12.99 16.45 -18.72
N GLY A 643 13.46 16.24 -19.95
CA GLY A 643 13.87 14.94 -20.38
C GLY A 643 15.06 14.40 -19.64
N THR A 644 15.15 13.08 -19.58
CA THR A 644 16.29 12.46 -18.91
C THR A 644 17.49 12.21 -19.81
N ASP A 645 17.38 12.46 -21.10
CA ASP A 645 18.52 12.39 -22.02
C ASP A 645 19.56 13.47 -21.66
#